data_8QXC
#
_entry.id   8QXC
#
_cell.length_a   81.566
_cell.length_b   113.236
_cell.length_c   82.873
_cell.angle_alpha   90.000
_cell.angle_beta   108.800
_cell.angle_gamma   90.000
#
_symmetry.space_group_name_H-M   'P 1 21 1'
#
loop_
_entity.id
_entity.type
_entity.pdbx_description
1 polymer 'Heavy chain of FAB MIL-3'
2 polymer 'Light chain of FAB MIL-3'
3 non-polymer '(2R,4S)-2-[(1R)-2-[[(5S)-5-acetamido-6-oxidanyl-6-oxidanylidene-hexyl]amino]-2-oxidanylidene-1-(2-phenylethanoylamino)ethyl]-5,5-dimethyl-1,3-thiazolidine-4-carboxylic acid'
4 water water
#
loop_
_entity_poly.entity_id
_entity_poly.type
_entity_poly.pdbx_seq_one_letter_code
_entity_poly.pdbx_strand_id
1 'polypeptide(L)'
;MGWSCIILFLVATATGVHSQVQLKQSGGGLVQPKGSLKLSCAASGFTFNTYAMHWVRQAPGKGLEWVARIRSKSSNYATY
YADSVKDRFTISRDDSQSMLYLQMNNLKTEDTAMYYCVSITTRFAYWGQGTLVTVSSASTKGPSVFPLAPSSKSTSGGTA
ALGCLVKDYFPEPVTVSWNSGALTSGVHTFPAVLQSSGLYSLSSVVTVPSSSLGTQTYICNVNHKPSNTKVDKRVEPKSC
DKTHTSRHHHHHHSGSDYKDDDDK
;
H,A,C
2 'polypeptide(L)'
;MGWSCIILFLVATATGVHSETTVTQSPSSMYASLGERVTITCKASQDINSYLSWFQQKPGKSPKTLIYRASRLVDGVPSR
FSGSGSGQDYSLTISSLEYEDMGIYYCLQYDEFPYTFGGGTKLEIKRTVAAPSVFIFPPSDEQLKSGTASVVCLLNNFYP
REAKVQWKVDNALQSGNSQESVTEQDSKDSTYSLSSTLTLSKADYEKHKVYACEVTHQGLSSPVTKSFNRGEC
;
L,B,D
#
# COMPACT_ATOMS: atom_id res chain seq x y z
N GLN A 20 -24.98 -4.29 -15.62
CA GLN A 20 -23.67 -4.94 -15.71
C GLN A 20 -23.56 -6.43 -16.01
N VAL A 21 -23.68 -6.67 -17.32
CA VAL A 21 -23.50 -7.97 -17.95
C VAL A 21 -22.03 -8.36 -17.97
N GLN A 22 -21.74 -9.57 -17.50
CA GLN A 22 -20.38 -10.10 -17.56
C GLN A 22 -20.40 -11.55 -18.00
N LEU A 23 -19.43 -11.89 -18.85
CA LEU A 23 -19.05 -13.26 -19.11
C LEU A 23 -17.62 -13.35 -18.61
N LYS A 24 -17.43 -13.96 -17.45
CA LYS A 24 -16.10 -14.05 -16.87
C LYS A 24 -15.50 -15.41 -17.22
N GLN A 25 -14.42 -15.38 -17.98
CA GLN A 25 -13.82 -16.59 -18.50
C GLN A 25 -12.73 -17.07 -17.56
N SER A 26 -12.52 -18.38 -17.57
CA SER A 26 -11.50 -19.03 -16.76
C SER A 26 -11.00 -20.25 -17.53
N GLY A 27 -9.83 -20.74 -17.14
CA GLY A 27 -9.24 -21.88 -17.83
C GLY A 27 -8.35 -21.45 -18.98
N GLY A 28 -7.94 -22.42 -19.76
CA GLY A 28 -7.07 -22.13 -20.88
C GLY A 28 -5.61 -22.28 -20.50
N GLY A 29 -4.76 -21.69 -21.33
CA GLY A 29 -3.33 -21.83 -21.10
C GLY A 29 -2.58 -22.72 -22.07
N LEU A 30 -1.49 -23.29 -21.60
CA LEU A 30 -0.62 -24.11 -22.41
C LEU A 30 -0.99 -25.57 -22.25
N VAL A 31 -1.11 -26.30 -23.36
CA VAL A 31 -1.42 -27.73 -23.29
C VAL A 31 -0.88 -28.42 -24.54
N GLN A 32 -0.47 -29.68 -24.39
CA GLN A 32 0.23 -30.41 -25.44
C GLN A 32 -0.74 -30.99 -26.49
N PRO A 33 -0.26 -31.28 -27.69
CA PRO A 33 -1.15 -31.88 -28.70
C PRO A 33 -1.71 -33.22 -28.23
N LYS A 34 -2.92 -33.51 -28.70
CA LYS A 34 -3.70 -34.70 -28.34
C LYS A 34 -4.20 -34.58 -26.91
N GLY A 35 -3.74 -33.57 -26.20
CA GLY A 35 -4.20 -33.35 -24.86
C GLY A 35 -5.60 -32.78 -24.87
N SER A 36 -6.03 -32.38 -23.67
CA SER A 36 -7.38 -31.89 -23.48
C SER A 36 -7.39 -30.78 -22.44
N LEU A 37 -8.43 -29.94 -22.53
CA LEU A 37 -8.52 -28.73 -21.74
C LEU A 37 -9.99 -28.37 -21.63
N LYS A 38 -10.38 -27.75 -20.53
CA LYS A 38 -11.77 -27.33 -20.37
C LYS A 38 -11.83 -25.86 -20.07
N LEU A 39 -12.55 -25.12 -20.91
CA LEU A 39 -12.75 -23.69 -20.74
C LEU A 39 -14.05 -23.46 -19.99
N SER A 40 -14.09 -22.41 -19.18
CA SER A 40 -15.27 -22.07 -18.40
C SER A 40 -15.63 -20.61 -18.58
N CYS A 41 -16.93 -20.31 -18.50
CA CYS A 41 -17.46 -18.97 -18.65
C CYS A 41 -18.64 -18.79 -17.70
N ALA A 42 -18.56 -17.79 -16.84
CA ALA A 42 -19.57 -17.53 -15.82
C ALA A 42 -20.38 -16.31 -16.24
N ALA A 43 -21.67 -16.51 -16.54
CA ALA A 43 -22.54 -15.42 -16.97
C ALA A 43 -23.27 -14.76 -15.81
N SER A 44 -23.51 -13.47 -15.95
CA SER A 44 -24.18 -12.67 -14.94
C SER A 44 -24.74 -11.40 -15.58
N GLY A 45 -25.94 -11.01 -15.14
CA GLY A 45 -26.56 -9.74 -15.52
C GLY A 45 -27.46 -9.80 -16.73
N PHE A 46 -27.94 -10.98 -17.09
CA PHE A 46 -28.91 -11.18 -18.16
C PHE A 46 -29.48 -12.58 -17.99
N THR A 47 -30.55 -12.86 -18.73
CA THR A 47 -31.27 -14.12 -18.56
C THR A 47 -30.63 -15.24 -19.38
N PHE A 48 -29.41 -15.61 -18.93
CA PHE A 48 -28.62 -16.71 -19.45
C PHE A 48 -29.43 -17.90 -19.94
N ASN A 49 -30.42 -18.36 -19.16
CA ASN A 49 -31.02 -19.67 -19.49
C ASN A 49 -31.82 -19.64 -20.79
N THR A 50 -32.40 -18.49 -21.15
CA THR A 50 -33.26 -18.39 -22.32
C THR A 50 -32.49 -18.23 -23.62
N TYR A 51 -31.19 -17.97 -23.58
CA TYR A 51 -30.39 -17.64 -24.75
C TYR A 51 -29.39 -18.75 -25.07
N ALA A 52 -29.09 -18.89 -26.36
CA ALA A 52 -28.02 -19.77 -26.79
C ALA A 52 -26.68 -19.22 -26.29
N MET A 53 -25.69 -20.10 -26.22
CA MET A 53 -24.36 -19.66 -25.85
C MET A 53 -23.37 -20.19 -26.87
N HIS A 54 -22.26 -19.48 -27.01
CA HIS A 54 -21.32 -19.77 -28.08
C HIS A 54 -19.89 -19.61 -27.61
N TRP A 55 -19.01 -20.27 -28.36
CA TRP A 55 -17.58 -20.03 -28.31
C TRP A 55 -17.12 -19.61 -29.70
N VAL A 56 -16.29 -18.56 -29.76
CA VAL A 56 -15.73 -18.03 -30.99
C VAL A 56 -14.23 -17.85 -30.80
N ARG A 57 -13.45 -18.20 -31.82
CA ARG A 57 -11.98 -18.28 -31.81
C ARG A 57 -11.37 -17.13 -32.60
N GLN A 58 -10.18 -16.72 -32.20
CA GLN A 58 -9.41 -15.79 -33.04
C GLN A 58 -7.94 -16.20 -32.97
N ALA A 59 -7.46 -16.89 -34.00
CA ALA A 59 -6.06 -17.24 -34.04
C ALA A 59 -5.22 -15.97 -34.06
N PRO A 60 -4.00 -16.01 -33.48
CA PRO A 60 -3.20 -14.78 -33.36
C PRO A 60 -3.02 -14.09 -34.71
N GLY A 61 -3.37 -12.81 -34.76
CA GLY A 61 -3.24 -12.02 -35.97
C GLY A 61 -4.21 -12.38 -37.08
N LYS A 62 -5.09 -13.36 -36.89
CA LYS A 62 -5.98 -13.78 -37.97
C LYS A 62 -7.46 -13.50 -37.63
N GLY A 63 -8.40 -14.11 -38.36
CA GLY A 63 -9.79 -13.69 -38.26
C GLY A 63 -10.61 -14.44 -37.20
N LEU A 64 -11.85 -13.98 -37.04
CA LEU A 64 -12.79 -14.61 -36.10
C LEU A 64 -13.51 -15.78 -36.75
N GLU A 65 -13.74 -16.84 -35.96
CA GLU A 65 -14.30 -18.08 -36.47
C GLU A 65 -15.21 -18.71 -35.41
N TRP A 66 -16.39 -19.19 -35.83
CA TRP A 66 -17.28 -19.80 -34.86
C TRP A 66 -16.78 -21.19 -34.49
N VAL A 67 -16.92 -21.54 -33.22
CA VAL A 67 -16.45 -22.82 -32.71
C VAL A 67 -17.60 -23.75 -32.38
N ALA A 68 -18.54 -23.28 -31.57
CA ALA A 68 -19.56 -24.15 -31.02
C ALA A 68 -20.74 -23.32 -30.57
N ARG A 69 -21.94 -23.89 -30.72
CA ARG A 69 -23.17 -23.24 -30.29
C ARG A 69 -24.01 -24.24 -29.51
N ILE A 70 -24.70 -23.76 -28.48
CA ILE A 70 -25.66 -24.60 -27.74
C ILE A 70 -26.89 -23.75 -27.42
N ARG A 71 -28.08 -24.32 -27.61
CA ARG A 71 -29.30 -23.56 -27.41
C ARG A 71 -29.83 -23.78 -25.99
N SER A 72 -30.98 -23.19 -25.69
CA SER A 72 -31.57 -23.27 -24.38
C SER A 72 -32.25 -24.61 -24.14
N LYS A 73 -32.65 -24.82 -22.88
CA LYS A 73 -33.48 -25.97 -22.54
C LYS A 73 -34.72 -26.00 -23.41
N SER A 74 -35.27 -24.82 -23.72
CA SER A 74 -36.46 -24.74 -24.55
C SER A 74 -36.21 -25.35 -25.94
N SER A 75 -34.96 -25.41 -26.40
CA SER A 75 -34.64 -26.10 -27.64
C SER A 75 -33.78 -27.33 -27.42
N ASN A 76 -33.95 -28.01 -26.29
CA ASN A 76 -33.37 -29.33 -26.09
C ASN A 76 -31.83 -29.28 -26.04
N TYR A 77 -31.27 -28.11 -25.74
CA TYR A 77 -29.82 -27.94 -25.64
C TYR A 77 -29.13 -28.41 -26.91
N ALA A 78 -29.78 -28.19 -28.05
CA ALA A 78 -29.18 -28.57 -29.32
C ALA A 78 -27.78 -27.94 -29.45
N THR A 79 -26.82 -28.74 -29.88
CA THR A 79 -25.44 -28.29 -30.05
C THR A 79 -25.04 -28.34 -31.51
N TYR A 80 -24.32 -27.31 -31.96
CA TYR A 80 -23.82 -27.21 -33.33
C TYR A 80 -22.33 -26.87 -33.28
N TYR A 81 -21.54 -27.43 -34.21
CA TYR A 81 -20.08 -27.29 -34.16
C TYR A 81 -19.48 -26.89 -35.52
N ALA A 82 -18.38 -26.15 -35.46
CA ALA A 82 -17.63 -25.94 -36.69
C ALA A 82 -17.05 -27.28 -37.13
N ASP A 83 -16.78 -27.41 -38.43
CA ASP A 83 -16.40 -28.72 -38.95
C ASP A 83 -15.05 -29.15 -38.40
N SER A 84 -14.16 -28.18 -38.17
CA SER A 84 -12.80 -28.44 -37.71
C SER A 84 -12.72 -29.11 -36.35
N VAL A 85 -13.80 -29.13 -35.58
CA VAL A 85 -13.72 -29.52 -34.18
C VAL A 85 -14.84 -30.51 -33.86
N LYS A 86 -15.54 -31.00 -34.91
CA LYS A 86 -16.82 -31.66 -34.74
C LYS A 86 -16.78 -32.79 -33.71
N ASP A 87 -15.79 -33.68 -33.78
CA ASP A 87 -15.78 -34.82 -32.88
C ASP A 87 -14.70 -34.71 -31.83
N ARG A 88 -14.24 -33.49 -31.55
CA ARG A 88 -13.18 -33.29 -30.59
C ARG A 88 -13.54 -32.34 -29.47
N PHE A 89 -14.49 -31.43 -29.70
CA PHE A 89 -14.91 -30.46 -28.70
C PHE A 89 -16.35 -30.73 -28.30
N THR A 90 -16.69 -30.36 -27.07
CA THR A 90 -18.06 -30.47 -26.61
C THR A 90 -18.45 -29.20 -25.88
N ILE A 91 -19.48 -28.59 -26.32
CA ILE A 91 -20.04 -27.44 -25.62
C ILE A 91 -21.16 -27.94 -24.71
N SER A 92 -21.33 -27.26 -23.58
CA SER A 92 -22.20 -27.71 -22.51
C SER A 92 -22.50 -26.51 -21.64
N ARG A 93 -23.59 -26.59 -20.89
CA ARG A 93 -23.94 -25.50 -20.01
C ARG A 93 -24.60 -26.06 -18.76
N ASP A 94 -24.45 -25.33 -17.64
CA ASP A 94 -25.10 -25.61 -16.36
C ASP A 94 -25.94 -24.39 -16.00
N ASP A 95 -27.23 -24.46 -16.29
CA ASP A 95 -28.08 -23.30 -16.03
C ASP A 95 -28.19 -22.95 -14.55
N SER A 96 -28.14 -23.94 -13.65
CA SER A 96 -28.20 -23.58 -12.22
C SER A 96 -27.01 -22.72 -11.79
N GLN A 97 -25.86 -22.91 -12.41
CA GLN A 97 -24.64 -22.18 -12.05
C GLN A 97 -24.27 -21.11 -13.07
N SER A 98 -25.11 -20.85 -14.07
CA SER A 98 -24.81 -19.82 -15.08
C SER A 98 -23.48 -20.10 -15.77
N MET A 99 -23.11 -21.36 -15.95
CA MET A 99 -21.81 -21.70 -16.47
C MET A 99 -21.94 -22.23 -17.89
N LEU A 100 -21.04 -21.76 -18.75
CA LEU A 100 -20.85 -22.24 -20.10
C LEU A 100 -19.48 -22.91 -20.15
N TYR A 101 -19.40 -24.06 -20.79
CA TYR A 101 -18.17 -24.83 -20.85
C TYR A 101 -17.81 -25.15 -22.30
N LEU A 102 -16.53 -25.38 -22.52
CA LEU A 102 -16.04 -25.95 -23.78
C LEU A 102 -15.01 -27.01 -23.40
N GLN A 103 -15.36 -28.28 -23.55
CA GLN A 103 -14.43 -29.36 -23.29
C GLN A 103 -13.66 -29.58 -24.59
N MET A 104 -12.34 -29.42 -24.55
CA MET A 104 -11.53 -29.49 -25.77
C MET A 104 -10.66 -30.73 -25.70
N ASN A 105 -10.89 -31.68 -26.61
CA ASN A 105 -10.16 -32.95 -26.59
C ASN A 105 -9.40 -33.13 -27.90
N ASN A 106 -8.35 -33.95 -27.83
CA ASN A 106 -7.55 -34.25 -29.01
C ASN A 106 -7.07 -32.96 -29.67
N LEU A 107 -6.40 -32.14 -28.88
CA LEU A 107 -6.05 -30.80 -29.34
C LEU A 107 -4.99 -30.85 -30.43
N LYS A 108 -5.10 -29.93 -31.38
CA LYS A 108 -4.13 -29.80 -32.48
C LYS A 108 -3.50 -28.41 -32.49
N THR A 109 -2.34 -28.31 -33.16
CA THR A 109 -1.64 -27.03 -33.20
C THR A 109 -2.56 -25.91 -33.71
N GLU A 110 -3.35 -26.20 -34.75
CA GLU A 110 -4.23 -25.18 -35.33
C GLU A 110 -5.36 -24.72 -34.40
N ASP A 111 -5.53 -25.36 -33.22
CA ASP A 111 -6.47 -24.87 -32.22
C ASP A 111 -5.89 -23.76 -31.35
N THR A 112 -4.62 -23.43 -31.52
CA THR A 112 -4.03 -22.31 -30.82
C THR A 112 -4.75 -21.04 -31.21
N ALA A 113 -5.36 -20.36 -30.24
CA ALA A 113 -6.18 -19.20 -30.55
C ALA A 113 -6.55 -18.53 -29.24
N MET A 114 -7.12 -17.33 -29.36
CA MET A 114 -7.86 -16.72 -28.27
C MET A 114 -9.31 -17.15 -28.36
N TYR A 115 -9.84 -17.70 -27.27
CA TYR A 115 -11.20 -18.28 -27.27
C TYR A 115 -12.12 -17.33 -26.52
N TYR A 116 -13.24 -16.97 -27.17
CA TYR A 116 -14.19 -16.03 -26.59
C TYR A 116 -15.49 -16.77 -26.27
N CYS A 117 -15.97 -16.57 -25.06
CA CYS A 117 -17.32 -16.93 -24.70
C CYS A 117 -18.23 -15.81 -25.19
N VAL A 118 -19.35 -16.16 -25.84
CA VAL A 118 -20.22 -15.16 -26.47
C VAL A 118 -21.68 -15.49 -26.21
N SER A 119 -22.46 -14.50 -25.79
CA SER A 119 -23.92 -14.65 -25.69
C SER A 119 -24.62 -13.60 -26.53
N ILE A 120 -25.32 -14.04 -27.58
CA ILE A 120 -26.15 -13.12 -28.35
C ILE A 120 -27.58 -13.21 -27.81
N THR A 121 -28.12 -12.07 -27.39
CA THR A 121 -29.42 -11.96 -26.76
C THR A 121 -30.36 -11.27 -27.74
N THR A 122 -31.54 -10.89 -27.26
CA THR A 122 -32.52 -10.27 -28.12
C THR A 122 -32.02 -8.98 -28.72
N ARG A 123 -31.37 -8.13 -27.92
CA ARG A 123 -30.98 -6.82 -28.40
C ARG A 123 -29.51 -6.48 -28.16
N PHE A 124 -28.68 -7.46 -27.70
CA PHE A 124 -27.27 -7.25 -27.46
C PHE A 124 -26.49 -8.49 -27.86
N ALA A 125 -25.16 -8.36 -27.93
CA ALA A 125 -24.26 -9.51 -28.00
C ALA A 125 -23.07 -9.24 -27.10
N TYR A 126 -22.84 -10.11 -26.14
CA TYR A 126 -21.85 -9.90 -25.11
C TYR A 126 -20.67 -10.85 -25.35
N TRP A 127 -19.46 -10.31 -25.29
CA TRP A 127 -18.23 -11.08 -25.48
C TRP A 127 -17.43 -11.14 -24.18
N GLY A 128 -16.93 -12.33 -23.85
CA GLY A 128 -15.99 -12.47 -22.75
C GLY A 128 -14.66 -11.80 -23.09
N GLN A 129 -13.76 -11.81 -22.11
CA GLN A 129 -12.47 -11.18 -22.32
C GLN A 129 -11.52 -12.06 -23.12
N GLY A 130 -11.85 -13.33 -23.29
CA GLY A 130 -11.00 -14.25 -24.01
C GLY A 130 -9.99 -14.96 -23.11
N THR A 131 -9.69 -16.21 -23.43
CA THR A 131 -8.63 -16.95 -22.79
C THR A 131 -7.75 -17.54 -23.87
N LEU A 132 -6.45 -17.27 -23.77
CA LEU A 132 -5.46 -17.77 -24.70
C LEU A 132 -5.22 -19.26 -24.47
N VAL A 133 -5.36 -20.05 -25.53
CA VAL A 133 -5.02 -21.47 -25.54
C VAL A 133 -3.86 -21.69 -26.49
N THR A 134 -2.76 -22.22 -25.97
CA THR A 134 -1.61 -22.55 -26.80
C THR A 134 -1.41 -24.06 -26.77
N VAL A 135 -1.43 -24.66 -27.95
CA VAL A 135 -1.34 -26.12 -28.08
C VAL A 135 0.09 -26.44 -28.50
N SER A 136 0.91 -26.80 -27.52
CA SER A 136 2.30 -27.15 -27.76
C SER A 136 2.79 -28.05 -26.64
N SER A 137 3.71 -28.95 -26.98
CA SER A 137 4.35 -29.80 -25.98
C SER A 137 5.47 -29.11 -25.23
N ALA A 138 5.90 -27.92 -25.63
CA ALA A 138 7.08 -27.35 -25.02
C ALA A 138 6.75 -26.91 -23.61
N SER A 139 7.75 -26.88 -22.75
CA SER A 139 7.48 -26.35 -21.43
C SER A 139 7.54 -24.82 -21.47
N THR A 140 6.94 -24.18 -20.45
CA THR A 140 7.01 -22.72 -20.39
C THR A 140 8.48 -22.29 -20.23
N LYS A 141 8.81 -21.13 -20.79
CA LYS A 141 10.18 -20.62 -20.75
C LYS A 141 10.12 -19.12 -20.50
N GLY A 142 10.75 -18.67 -19.42
CA GLY A 142 10.79 -17.26 -19.09
C GLY A 142 11.75 -16.50 -19.99
N PRO A 143 11.56 -15.19 -20.12
CA PRO A 143 12.40 -14.40 -21.02
C PRO A 143 13.79 -14.15 -20.45
N SER A 144 14.73 -13.91 -21.38
CA SER A 144 15.95 -13.17 -21.10
C SER A 144 15.71 -11.71 -21.48
N VAL A 145 16.16 -10.79 -20.63
CA VAL A 145 15.96 -9.36 -20.84
C VAL A 145 17.31 -8.71 -21.04
N PHE A 146 17.55 -8.17 -22.21
CA PHE A 146 18.84 -7.55 -22.48
C PHE A 146 18.67 -6.05 -22.70
N PRO A 147 19.66 -5.25 -22.30
CA PRO A 147 19.53 -3.80 -22.48
C PRO A 147 19.68 -3.41 -23.94
N LEU A 148 18.84 -2.49 -24.38
CA LEU A 148 19.05 -1.76 -25.63
C LEU A 148 19.62 -0.40 -25.22
N ALA A 149 20.92 -0.27 -25.31
CA ALA A 149 21.51 0.91 -24.73
C ALA A 149 22.00 1.88 -25.79
N PRO A 150 21.83 3.19 -25.57
CA PRO A 150 22.31 4.19 -26.52
C PRO A 150 23.79 4.43 -26.30
N SER A 151 24.61 4.30 -27.35
CA SER A 151 25.97 4.77 -27.23
C SER A 151 25.96 6.31 -27.20
N SER A 152 27.07 6.87 -26.71
CA SER A 152 27.23 8.32 -26.56
C SER A 152 27.31 9.10 -27.88
N LYS A 153 26.72 8.60 -28.96
CA LYS A 153 26.61 9.37 -30.21
C LYS A 153 25.40 10.29 -30.21
N SER A 154 24.49 10.11 -29.24
CA SER A 154 23.19 10.77 -29.23
C SER A 154 23.34 12.29 -29.34
N THR A 155 22.59 12.88 -30.28
CA THR A 155 22.59 14.33 -30.47
C THR A 155 22.42 15.06 -29.14
N SER A 156 23.38 15.94 -28.82
CA SER A 156 23.59 16.42 -27.46
C SER A 156 22.40 17.23 -26.92
N GLY A 157 21.64 17.86 -27.80
CA GLY A 157 20.47 18.59 -27.35
C GLY A 157 19.17 18.01 -27.85
N GLY A 158 19.19 16.79 -28.40
CA GLY A 158 18.01 16.20 -28.97
C GLY A 158 17.44 15.05 -28.18
N THR A 159 16.98 14.04 -28.91
CA THR A 159 16.30 12.88 -28.35
C THR A 159 17.17 11.64 -28.49
N ALA A 160 17.13 10.79 -27.46
CA ALA A 160 17.83 9.52 -27.42
C ALA A 160 16.85 8.38 -27.15
N ALA A 161 17.15 7.21 -27.71
CA ALA A 161 16.33 6.01 -27.51
C ALA A 161 17.09 4.95 -26.72
N LEU A 162 16.35 4.25 -25.85
CA LEU A 162 16.89 3.08 -25.16
C LEU A 162 15.74 2.08 -24.96
N GLY A 163 16.09 0.88 -24.53
CA GLY A 163 15.06 -0.12 -24.38
C GLY A 163 15.55 -1.43 -23.82
N CYS A 164 14.65 -2.41 -23.83
CA CYS A 164 14.91 -3.77 -23.35
C CYS A 164 14.50 -4.76 -24.41
N LEU A 165 15.38 -5.73 -24.70
CA LEU A 165 15.09 -6.82 -25.62
C LEU A 165 14.65 -8.03 -24.81
N VAL A 166 13.43 -8.47 -25.05
CA VAL A 166 12.77 -9.48 -24.22
C VAL A 166 12.64 -10.73 -25.07
N LYS A 167 13.59 -11.66 -24.89
CA LYS A 167 13.91 -12.68 -25.88
C LYS A 167 13.68 -14.08 -25.35
N ASP A 168 13.21 -14.95 -26.24
CA ASP A 168 13.26 -16.39 -26.05
C ASP A 168 12.35 -16.86 -24.91
N TYR A 169 11.06 -16.54 -25.01
CA TYR A 169 10.07 -16.99 -24.03
C TYR A 169 8.93 -17.74 -24.74
N PHE A 170 8.14 -18.44 -23.93
CA PHE A 170 7.01 -19.24 -24.40
C PHE A 170 6.16 -19.66 -23.21
N PRO A 171 4.84 -19.61 -23.31
CA PRO A 171 4.09 -19.05 -24.44
C PRO A 171 3.90 -17.56 -24.26
N GLU A 172 3.01 -16.97 -25.05
CA GLU A 172 2.59 -15.62 -24.82
C GLU A 172 1.69 -15.58 -23.58
N PRO A 173 1.51 -14.39 -22.96
CA PRO A 173 2.04 -13.06 -23.25
C PRO A 173 3.07 -12.55 -22.25
N VAL A 174 3.82 -11.50 -22.62
CA VAL A 174 4.65 -10.73 -21.69
C VAL A 174 4.10 -9.33 -21.63
N THR A 175 4.30 -8.69 -20.49
CA THR A 175 4.02 -7.27 -20.35
C THR A 175 5.32 -6.60 -19.93
N VAL A 176 5.47 -5.34 -20.33
CA VAL A 176 6.65 -4.55 -20.06
C VAL A 176 6.17 -3.19 -19.59
N SER A 177 6.72 -2.71 -18.48
CA SER A 177 6.57 -1.30 -18.11
C SER A 177 7.95 -0.69 -17.93
N TRP A 178 7.98 0.63 -17.69
CA TRP A 178 9.22 1.36 -17.49
C TRP A 178 9.12 2.12 -16.17
N ASN A 179 10.18 2.01 -15.36
CA ASN A 179 10.25 2.61 -14.02
C ASN A 179 8.94 2.39 -13.27
N SER A 180 8.47 1.13 -13.28
CA SER A 180 7.25 0.72 -12.57
C SER A 180 6.04 1.55 -12.99
N GLY A 181 5.96 1.88 -14.27
CA GLY A 181 4.81 2.60 -14.77
C GLY A 181 4.91 4.09 -14.70
N ALA A 182 5.89 4.63 -13.98
CA ALA A 182 6.04 6.07 -13.91
C ALA A 182 6.45 6.67 -15.25
N LEU A 183 7.08 5.91 -16.12
CA LEU A 183 7.53 6.37 -17.43
C LEU A 183 6.62 5.73 -18.48
N THR A 184 5.80 6.55 -19.14
CA THR A 184 4.83 6.12 -20.15
C THR A 184 4.99 6.91 -21.45
N SER A 185 5.39 8.17 -21.35
CA SER A 185 5.51 9.01 -22.52
C SER A 185 6.65 8.54 -23.43
N GLY A 186 6.34 8.34 -24.71
CA GLY A 186 7.36 7.95 -25.66
C GLY A 186 7.71 6.49 -25.64
N VAL A 187 6.94 5.66 -24.94
CA VAL A 187 7.20 4.23 -24.85
C VAL A 187 6.54 3.51 -26.02
N HIS A 188 7.27 2.64 -26.70
CA HIS A 188 6.68 1.70 -27.65
C HIS A 188 7.11 0.29 -27.28
N THR A 189 6.13 -0.53 -26.90
CA THR A 189 6.36 -1.95 -26.64
C THR A 189 5.79 -2.69 -27.83
N PHE A 190 6.68 -3.34 -28.62
CA PHE A 190 6.30 -3.88 -29.93
C PHE A 190 5.53 -5.19 -29.80
N PRO A 191 4.67 -5.51 -30.76
CA PRO A 191 4.03 -6.85 -30.73
C PRO A 191 5.12 -7.91 -30.74
N ALA A 192 4.85 -9.00 -30.03
CA ALA A 192 5.78 -10.12 -30.01
C ALA A 192 6.01 -10.64 -31.42
N VAL A 193 7.20 -11.16 -31.64
CA VAL A 193 7.54 -11.81 -32.89
C VAL A 193 7.84 -13.28 -32.64
N LEU A 194 7.35 -14.15 -33.52
CA LEU A 194 7.74 -15.57 -33.44
C LEU A 194 9.06 -15.74 -34.19
N GLN A 195 10.11 -16.10 -33.46
CA GLN A 195 11.43 -16.29 -34.04
C GLN A 195 11.53 -17.63 -34.76
N SER A 196 12.65 -17.79 -35.48
CA SER A 196 12.92 -19.06 -36.15
C SER A 196 13.08 -20.20 -35.15
N SER A 197 13.54 -19.93 -33.95
CA SER A 197 13.69 -20.96 -32.93
C SER A 197 12.36 -21.43 -32.36
N GLY A 198 11.25 -20.78 -32.70
CA GLY A 198 9.96 -21.11 -32.16
C GLY A 198 9.65 -20.44 -30.84
N LEU A 199 10.55 -19.62 -30.33
CA LEU A 199 10.31 -18.83 -29.13
C LEU A 199 9.97 -17.40 -29.54
N TYR A 200 9.16 -16.75 -28.72
CA TYR A 200 8.77 -15.38 -29.00
C TYR A 200 9.87 -14.42 -28.58
N SER A 201 9.79 -13.20 -29.13
CA SER A 201 10.76 -12.19 -28.78
C SER A 201 10.12 -10.84 -29.03
N LEU A 202 10.40 -9.86 -28.17
CA LEU A 202 9.94 -8.50 -28.40
C LEU A 202 10.91 -7.51 -27.79
N SER A 203 10.90 -6.31 -28.33
CA SER A 203 11.59 -5.15 -27.78
C SER A 203 10.57 -4.17 -27.21
N SER A 204 11.02 -3.41 -26.22
CA SER A 204 10.27 -2.25 -25.76
C SER A 204 11.27 -1.12 -25.70
N VAL A 205 10.89 0.06 -26.20
CA VAL A 205 11.80 1.17 -26.32
C VAL A 205 11.12 2.40 -25.74
N VAL A 206 11.94 3.40 -25.47
CA VAL A 206 11.47 4.69 -25.02
C VAL A 206 12.43 5.72 -25.55
N THR A 207 11.90 6.87 -25.99
CA THR A 207 12.74 8.00 -26.37
C THR A 207 12.71 9.03 -25.25
N VAL A 208 13.88 9.61 -24.98
CA VAL A 208 14.08 10.47 -23.83
C VAL A 208 14.97 11.61 -24.26
N PRO A 209 15.04 12.66 -23.44
CA PRO A 209 16.01 13.72 -23.72
C PRO A 209 17.43 13.19 -23.60
N SER A 210 18.25 13.48 -24.60
CA SER A 210 19.64 13.03 -24.58
C SER A 210 20.38 13.53 -23.36
N SER A 211 19.96 14.68 -22.83
CA SER A 211 20.52 15.23 -21.59
C SER A 211 20.32 14.32 -20.38
N SER A 212 19.43 13.33 -20.46
CA SER A 212 19.09 12.52 -19.30
C SER A 212 19.87 11.21 -19.28
N LEU A 213 20.56 10.87 -20.35
CA LEU A 213 21.40 9.70 -20.31
C LEU A 213 22.46 9.93 -19.25
N GLY A 214 22.62 8.98 -18.35
CA GLY A 214 23.58 9.19 -17.28
C GLY A 214 23.04 9.88 -16.04
N THR A 215 22.18 10.87 -16.21
CA THR A 215 21.59 11.53 -15.04
C THR A 215 20.32 10.85 -14.51
N GLN A 216 19.42 10.41 -15.39
CA GLN A 216 18.19 9.74 -15.00
C GLN A 216 18.34 8.23 -15.12
N THR A 217 17.50 7.48 -14.39
CA THR A 217 17.60 6.01 -14.34
C THR A 217 16.38 5.36 -14.98
N TYR A 218 16.63 4.44 -15.91
CA TYR A 218 15.59 3.77 -16.68
C TYR A 218 15.59 2.28 -16.41
N ILE A 219 14.49 1.77 -15.86
CA ILE A 219 14.32 0.37 -15.52
C ILE A 219 13.09 -0.15 -16.23
N CYS A 220 13.26 -1.22 -16.99
CA CYS A 220 12.14 -1.87 -17.64
C CYS A 220 11.73 -3.05 -16.78
N ASN A 221 10.43 -3.18 -16.56
CA ASN A 221 9.84 -4.21 -15.71
C ASN A 221 9.14 -5.21 -16.61
N VAL A 222 9.68 -6.42 -16.70
CA VAL A 222 9.18 -7.44 -17.60
C VAL A 222 8.44 -8.47 -16.77
N ASN A 223 7.23 -8.80 -17.16
CA ASN A 223 6.46 -9.81 -16.45
C ASN A 223 6.00 -10.89 -17.41
N HIS A 224 6.33 -12.13 -17.10
CA HIS A 224 5.88 -13.29 -17.86
C HIS A 224 5.12 -14.24 -16.93
N LYS A 225 3.80 -14.06 -16.87
CA LYS A 225 2.98 -14.88 -15.97
C LYS A 225 3.08 -16.38 -16.23
N PRO A 226 3.01 -16.88 -17.48
CA PRO A 226 3.05 -18.34 -17.67
C PRO A 226 4.24 -19.04 -17.04
N SER A 227 5.31 -18.29 -16.77
CA SER A 227 6.51 -18.83 -16.12
C SER A 227 6.80 -18.20 -14.76
N ASN A 228 5.89 -17.37 -14.23
CA ASN A 228 6.11 -16.69 -12.95
C ASN A 228 7.43 -15.94 -12.91
N THR A 229 7.81 -15.32 -14.01
CA THR A 229 9.05 -14.56 -14.09
C THR A 229 8.74 -13.07 -14.04
N LYS A 230 9.45 -12.35 -13.17
CA LYS A 230 9.41 -10.89 -13.10
C LYS A 230 10.84 -10.40 -13.14
N VAL A 231 11.17 -9.59 -14.16
CA VAL A 231 12.54 -9.14 -14.34
C VAL A 231 12.54 -7.63 -14.48
N ASP A 232 13.37 -6.97 -13.68
CA ASP A 232 13.66 -5.55 -13.80
C ASP A 232 15.06 -5.41 -14.33
N LYS A 233 15.22 -4.70 -15.44
CA LYS A 233 16.54 -4.46 -16.00
C LYS A 233 16.78 -2.96 -16.07
N ARG A 234 17.84 -2.52 -15.43
CA ARG A 234 18.32 -1.15 -15.56
C ARG A 234 19.04 -1.04 -16.89
N VAL A 235 18.70 -0.04 -17.70
CA VAL A 235 19.37 0.21 -18.98
C VAL A 235 20.26 1.44 -18.81
N GLU A 236 21.57 1.27 -18.94
CA GLU A 236 22.49 2.41 -18.78
C GLU A 236 23.18 2.65 -20.10
N PRO A 237 23.68 3.85 -20.34
CA PRO A 237 24.56 4.05 -21.49
C PRO A 237 25.79 3.18 -21.25
N LYS A 238 26.52 2.82 -22.31
CA LYS A 238 27.62 1.88 -22.11
C LYS A 238 28.99 2.53 -22.25
N SER A 239 29.96 1.85 -21.65
CA SER A 239 31.30 2.36 -21.40
C SER A 239 32.36 1.39 -21.95
N CYS A 240 33.52 1.93 -22.31
CA CYS A 240 34.68 1.10 -22.66
C CYS A 240 35.95 1.69 -22.07
N GLN B 20 -33.44 11.50 -11.57
CA GLN B 20 -32.88 10.88 -10.36
C GLN B 20 -31.35 10.60 -10.33
N VAL B 21 -30.49 11.61 -10.18
CA VAL B 21 -29.05 11.36 -10.27
C VAL B 21 -28.51 10.39 -9.23
N GLN B 22 -27.82 9.35 -9.70
CA GLN B 22 -27.09 8.44 -8.82
C GLN B 22 -25.74 8.12 -9.45
N LEU B 23 -24.69 8.15 -8.63
CA LEU B 23 -23.36 7.67 -8.98
C LEU B 23 -23.08 6.46 -8.10
N LYS B 24 -23.13 5.27 -8.68
CA LYS B 24 -22.93 4.04 -7.94
C LYS B 24 -21.48 3.61 -8.08
N GLN B 25 -20.76 3.59 -6.96
CA GLN B 25 -19.34 3.29 -6.96
C GLN B 25 -19.10 1.82 -6.67
N SER B 26 -18.01 1.30 -7.21
CA SER B 26 -17.62 -0.10 -7.06
C SER B 26 -16.10 -0.19 -7.04
N GLY B 27 -15.60 -1.31 -6.52
CA GLY B 27 -14.16 -1.52 -6.39
C GLY B 27 -13.68 -1.06 -5.03
N GLY B 28 -12.37 -1.04 -4.88
CA GLY B 28 -11.80 -0.65 -3.60
C GLY B 28 -11.56 -1.80 -2.64
N GLY B 29 -11.36 -1.43 -1.38
CA GLY B 29 -11.03 -2.39 -0.36
C GLY B 29 -9.56 -2.41 0.02
N LEU B 30 -9.09 -3.57 0.48
CA LEU B 30 -7.73 -3.73 0.96
C LEU B 30 -6.84 -4.10 -0.20
N VAL B 31 -5.64 -3.52 -0.23
CA VAL B 31 -4.67 -3.78 -1.30
C VAL B 31 -3.27 -3.59 -0.72
N GLN B 32 -2.32 -4.37 -1.24
CA GLN B 32 -0.96 -4.33 -0.73
C GLN B 32 -0.23 -3.13 -1.29
N PRO B 33 0.79 -2.64 -0.60
CA PRO B 33 1.60 -1.55 -1.16
C PRO B 33 2.22 -2.00 -2.47
N LYS B 34 2.33 -1.06 -3.41
CA LYS B 34 2.80 -1.30 -4.77
C LYS B 34 1.78 -2.09 -5.58
N GLY B 35 0.68 -2.54 -4.98
CA GLY B 35 -0.36 -3.26 -5.68
C GLY B 35 -1.14 -2.31 -6.56
N SER B 36 -2.26 -2.82 -7.08
CA SER B 36 -3.01 -2.07 -8.06
C SER B 36 -4.51 -2.24 -7.83
N LEU B 37 -5.27 -1.27 -8.33
CA LEU B 37 -6.69 -1.25 -8.04
C LEU B 37 -7.40 -0.39 -9.09
N LYS B 38 -8.63 -0.77 -9.42
CA LYS B 38 -9.44 0.00 -10.35
C LYS B 38 -10.78 0.29 -9.68
N LEU B 39 -11.13 1.57 -9.61
CA LEU B 39 -12.38 2.02 -9.03
C LEU B 39 -13.36 2.28 -10.14
N SER B 40 -14.64 1.99 -9.90
CA SER B 40 -15.69 2.18 -10.89
C SER B 40 -16.82 3.01 -10.30
N CYS B 41 -17.44 3.80 -11.17
CA CYS B 41 -18.52 4.69 -10.78
C CYS B 41 -19.57 4.65 -11.89
N ALA B 42 -20.81 4.33 -11.52
CA ALA B 42 -21.89 4.11 -12.48
C ALA B 42 -22.85 5.30 -12.43
N ALA B 43 -22.90 6.08 -13.51
CA ALA B 43 -23.76 7.25 -13.54
C ALA B 43 -25.14 6.91 -14.08
N SER B 44 -26.14 7.62 -13.55
CA SER B 44 -27.53 7.39 -13.92
C SER B 44 -28.37 8.61 -13.57
N GLY B 45 -29.18 9.07 -14.50
CA GLY B 45 -30.10 10.15 -14.24
C GLY B 45 -29.62 11.55 -14.59
N PHE B 46 -28.67 11.67 -15.51
CA PHE B 46 -28.30 12.96 -16.08
C PHE B 46 -27.48 12.66 -17.33
N THR B 47 -27.32 13.67 -18.17
CA THR B 47 -26.71 13.42 -19.46
C THR B 47 -25.19 13.41 -19.26
N PHE B 48 -24.71 12.21 -18.98
CA PHE B 48 -23.33 11.95 -18.56
C PHE B 48 -22.30 12.62 -19.49
N ASN B 49 -22.54 12.61 -20.80
CA ASN B 49 -21.50 12.93 -21.78
C ASN B 49 -21.11 14.41 -21.79
N THR B 50 -22.02 15.30 -21.41
CA THR B 50 -21.78 16.73 -21.57
C THR B 50 -20.73 17.27 -20.60
N TYR B 51 -20.53 16.58 -19.48
CA TYR B 51 -19.91 17.13 -18.28
C TYR B 51 -18.61 16.39 -17.94
N ALA B 52 -17.68 17.12 -17.33
CA ALA B 52 -16.47 16.51 -16.79
C ALA B 52 -16.82 15.57 -15.63
N MET B 53 -15.88 14.65 -15.35
CA MET B 53 -15.99 13.72 -14.24
C MET B 53 -14.71 13.76 -13.44
N HIS B 54 -14.81 13.42 -12.14
CA HIS B 54 -13.71 13.61 -11.21
C HIS B 54 -13.64 12.50 -10.17
N TRP B 55 -12.47 12.38 -9.55
CA TRP B 55 -12.32 11.63 -8.32
C TRP B 55 -11.75 12.53 -7.24
N VAL B 56 -12.34 12.46 -6.05
CA VAL B 56 -11.91 13.24 -4.90
C VAL B 56 -11.74 12.28 -3.73
N ARG B 57 -10.66 12.44 -2.98
CA ARG B 57 -10.38 11.52 -1.90
C ARG B 57 -10.32 12.26 -0.57
N GLN B 58 -10.56 11.52 0.51
CA GLN B 58 -10.44 12.06 1.87
C GLN B 58 -9.75 11.04 2.77
N ALA B 59 -8.51 11.29 3.13
CA ALA B 59 -7.81 10.42 4.05
C ALA B 59 -8.59 10.36 5.37
N PRO B 60 -8.57 9.22 6.06
CA PRO B 60 -9.45 9.04 7.22
C PRO B 60 -9.30 10.16 8.24
N GLY B 61 -10.45 10.75 8.61
CA GLY B 61 -10.51 11.83 9.57
C GLY B 61 -9.95 13.15 9.12
N LYS B 62 -9.46 13.27 7.88
CA LYS B 62 -8.78 14.47 7.43
C LYS B 62 -9.58 15.14 6.30
N GLY B 63 -8.91 16.04 5.55
CA GLY B 63 -9.61 16.92 4.64
C GLY B 63 -9.79 16.35 3.23
N LEU B 64 -10.53 17.11 2.41
CA LEU B 64 -10.77 16.73 1.03
C LEU B 64 -9.61 17.15 0.12
N GLU B 65 -9.37 16.31 -0.90
CA GLU B 65 -8.26 16.51 -1.82
C GLU B 65 -8.66 16.04 -3.22
N TRP B 66 -8.44 16.88 -4.23
CA TRP B 66 -8.78 16.48 -5.60
C TRP B 66 -7.76 15.45 -6.07
N VAL B 67 -8.22 14.44 -6.80
CA VAL B 67 -7.39 13.34 -7.29
C VAL B 67 -7.17 13.46 -8.80
N ALA B 68 -8.25 13.50 -9.58
CA ALA B 68 -8.15 13.49 -11.03
C ALA B 68 -9.44 14.04 -11.63
N ARG B 69 -9.34 14.46 -12.89
CA ARG B 69 -10.44 15.07 -13.63
C ARG B 69 -10.34 14.68 -15.10
N ILE B 70 -11.43 14.16 -15.66
CA ILE B 70 -11.52 13.85 -17.09
C ILE B 70 -12.62 14.72 -17.68
N ARG B 71 -12.35 15.30 -18.85
CA ARG B 71 -13.28 16.26 -19.43
C ARG B 71 -14.30 15.57 -20.33
N SER B 72 -15.03 16.36 -21.10
CA SER B 72 -16.00 15.85 -22.05
C SER B 72 -15.31 15.49 -23.36
N LYS B 73 -16.09 14.85 -24.25
CA LYS B 73 -15.61 14.59 -25.60
C LYS B 73 -15.17 15.88 -26.28
N SER B 74 -15.82 17.00 -25.95
CA SER B 74 -15.53 18.29 -26.57
C SER B 74 -14.09 18.74 -26.40
N SER B 75 -13.34 18.19 -25.44
CA SER B 75 -11.95 18.58 -25.27
C SER B 75 -11.04 17.36 -25.38
N ASN B 76 -11.43 16.43 -26.26
CA ASN B 76 -10.71 15.16 -26.48
C ASN B 76 -10.36 14.48 -25.15
N TYR B 77 -11.32 14.50 -24.22
CA TYR B 77 -11.22 13.74 -22.97
C TYR B 77 -9.96 14.09 -22.18
N ALA B 78 -9.57 15.36 -22.17
CA ALA B 78 -8.36 15.75 -21.48
C ALA B 78 -8.42 15.42 -19.99
N THR B 79 -7.27 15.06 -19.43
CA THR B 79 -7.21 14.64 -18.04
C THR B 79 -6.21 15.50 -17.29
N TYR B 80 -6.50 15.70 -16.01
CA TYR B 80 -5.68 16.50 -15.12
C TYR B 80 -5.59 15.74 -13.81
N TYR B 81 -4.39 15.68 -13.25
CA TYR B 81 -4.17 14.88 -12.04
C TYR B 81 -3.46 15.71 -10.98
N ALA B 82 -3.79 15.44 -9.71
CA ALA B 82 -3.04 16.05 -8.63
C ALA B 82 -1.61 15.56 -8.70
N ASP B 83 -0.69 16.32 -8.11
CA ASP B 83 0.71 15.92 -8.24
C ASP B 83 1.01 14.68 -7.42
N SER B 84 0.29 14.48 -6.32
CA SER B 84 0.56 13.32 -5.51
C SER B 84 0.36 12.02 -6.26
N VAL B 85 -0.31 12.04 -7.42
CA VAL B 85 -0.77 10.81 -8.05
C VAL B 85 -0.42 10.75 -9.54
N LYS B 86 0.24 11.77 -10.07
CA LYS B 86 0.59 11.79 -11.49
C LYS B 86 1.58 10.68 -11.79
N ASP B 87 1.36 10.00 -12.91
CA ASP B 87 2.11 8.85 -13.41
C ASP B 87 1.76 7.57 -12.66
N ARG B 88 0.84 7.59 -11.72
CA ARG B 88 0.45 6.38 -11.01
C ARG B 88 -1.02 6.08 -11.11
N PHE B 89 -1.84 7.09 -11.35
CA PHE B 89 -3.27 6.92 -11.44
C PHE B 89 -3.69 7.29 -12.86
N THR B 90 -4.76 6.66 -13.33
CA THR B 90 -5.25 7.00 -14.66
C THR B 90 -6.77 7.12 -14.59
N ILE B 91 -7.29 8.29 -14.96
CA ILE B 91 -8.73 8.49 -15.01
C ILE B 91 -9.18 8.27 -16.45
N SER B 92 -10.41 7.78 -16.60
CA SER B 92 -10.94 7.35 -17.88
C SER B 92 -12.46 7.31 -17.78
N ARG B 93 -13.12 7.34 -18.94
CA ARG B 93 -14.58 7.18 -18.97
C ARG B 93 -15.01 6.43 -20.22
N ASP B 94 -16.12 5.72 -20.08
CA ASP B 94 -16.75 5.00 -21.19
C ASP B 94 -18.13 5.65 -21.34
N ASP B 95 -18.24 6.58 -22.28
CA ASP B 95 -19.49 7.33 -22.42
C ASP B 95 -20.68 6.43 -22.76
N SER B 96 -20.44 5.26 -23.37
CA SER B 96 -21.52 4.35 -23.73
C SER B 96 -22.32 3.92 -22.50
N GLN B 97 -21.73 3.11 -21.63
CA GLN B 97 -22.40 2.69 -20.40
C GLN B 97 -22.38 3.78 -19.31
N SER B 98 -21.88 4.97 -19.60
CA SER B 98 -21.78 6.06 -18.62
C SER B 98 -21.09 5.60 -17.34
N MET B 99 -19.86 5.13 -17.51
CA MET B 99 -19.04 4.64 -16.40
C MET B 99 -17.80 5.50 -16.27
N LEU B 100 -17.41 5.73 -15.01
CA LEU B 100 -16.18 6.42 -14.63
C LEU B 100 -15.24 5.44 -13.95
N TYR B 101 -13.97 5.47 -14.36
CA TYR B 101 -12.98 4.57 -13.78
C TYR B 101 -11.79 5.38 -13.28
N LEU B 102 -11.13 4.85 -12.25
CA LEU B 102 -9.84 5.36 -11.79
C LEU B 102 -8.94 4.17 -11.57
N GLN B 103 -7.96 4.02 -12.45
CA GLN B 103 -6.98 2.96 -12.36
C GLN B 103 -5.84 3.46 -11.48
N MET B 104 -5.62 2.79 -10.35
CA MET B 104 -4.64 3.19 -9.35
C MET B 104 -3.54 2.15 -9.33
N ASN B 105 -2.31 2.56 -9.67
CA ASN B 105 -1.17 1.65 -9.71
C ASN B 105 -0.10 2.16 -8.76
N ASN B 106 0.79 1.25 -8.35
CA ASN B 106 1.93 1.59 -7.50
C ASN B 106 1.47 2.30 -6.23
N LEU B 107 0.50 1.69 -5.56
CA LEU B 107 -0.16 2.33 -4.43
C LEU B 107 0.76 2.42 -3.20
N LYS B 108 0.59 3.51 -2.46
CA LYS B 108 1.34 3.81 -1.25
C LYS B 108 0.36 3.93 -0.09
N THR B 109 0.89 3.79 1.14
CA THR B 109 0.03 3.91 2.30
C THR B 109 -0.64 5.27 2.34
N GLU B 110 0.03 6.33 1.83
CA GLU B 110 -0.60 7.66 1.75
C GLU B 110 -1.81 7.71 0.83
N ASP B 111 -2.08 6.66 0.04
CA ASP B 111 -3.27 6.64 -0.80
C ASP B 111 -4.48 6.06 -0.07
N THR B 112 -4.30 5.57 1.14
CA THR B 112 -5.43 5.16 1.97
C THR B 112 -6.36 6.35 2.18
N ALA B 113 -7.60 6.21 1.75
CA ALA B 113 -8.56 7.29 1.79
C ALA B 113 -9.91 6.72 1.39
N MET B 114 -10.95 7.52 1.61
CA MET B 114 -12.23 7.31 0.99
C MET B 114 -12.21 8.05 -0.34
N TYR B 115 -12.57 7.35 -1.42
CA TYR B 115 -12.49 7.88 -2.77
C TYR B 115 -13.89 8.13 -3.29
N TYR B 116 -14.11 9.34 -3.82
CA TYR B 116 -15.41 9.77 -4.30
C TYR B 116 -15.35 10.04 -5.80
N CYS B 117 -16.31 9.50 -6.56
CA CYS B 117 -16.53 10.03 -7.90
C CYS B 117 -17.50 11.20 -7.82
N VAL B 118 -17.20 12.26 -8.56
CA VAL B 118 -17.95 13.50 -8.50
C VAL B 118 -18.21 13.99 -9.92
N SER B 119 -19.46 14.34 -10.20
CA SER B 119 -19.81 15.01 -11.45
C SER B 119 -20.42 16.36 -11.11
N ILE B 120 -19.95 17.41 -11.78
CA ILE B 120 -20.43 18.77 -11.53
C ILE B 120 -21.06 19.30 -12.81
N THR B 121 -22.39 19.51 -12.77
CA THR B 121 -23.18 20.01 -13.88
C THR B 121 -23.38 21.53 -13.71
N THR B 122 -24.34 22.10 -14.44
CA THR B 122 -24.51 23.56 -14.41
C THR B 122 -24.99 24.01 -13.04
N ARG B 123 -25.82 23.20 -12.37
CA ARG B 123 -26.51 23.61 -11.16
C ARG B 123 -26.46 22.56 -10.05
N PHE B 124 -25.67 21.51 -10.19
CA PHE B 124 -25.55 20.53 -9.13
C PHE B 124 -24.14 19.98 -9.14
N ALA B 125 -23.71 19.47 -7.99
CA ALA B 125 -22.52 18.66 -7.90
C ALA B 125 -22.89 17.38 -7.17
N TYR B 126 -22.75 16.25 -7.84
CA TYR B 126 -23.22 14.97 -7.34
C TYR B 126 -22.02 14.16 -6.89
N TRP B 127 -22.11 13.62 -5.69
CA TRP B 127 -21.04 12.83 -5.11
C TRP B 127 -21.49 11.38 -5.01
N GLY B 128 -20.57 10.46 -5.33
CA GLY B 128 -20.82 9.06 -5.07
C GLY B 128 -20.81 8.80 -3.57
N GLN B 129 -21.11 7.54 -3.23
CA GLN B 129 -21.13 7.13 -1.83
C GLN B 129 -19.74 6.89 -1.27
N GLY B 130 -18.71 6.82 -2.12
CA GLY B 130 -17.36 6.62 -1.65
C GLY B 130 -17.02 5.16 -1.49
N THR B 131 -15.79 4.79 -1.82
CA THR B 131 -15.28 3.45 -1.53
C THR B 131 -13.96 3.60 -0.78
N LEU B 132 -13.85 2.95 0.37
CA LEU B 132 -12.64 2.99 1.16
C LEU B 132 -11.54 2.17 0.50
N VAL B 133 -10.38 2.78 0.29
CA VAL B 133 -9.20 2.07 -0.16
C VAL B 133 -8.21 2.07 0.99
N THR B 134 -7.83 0.88 1.43
CA THR B 134 -6.84 0.74 2.48
C THR B 134 -5.62 0.04 1.89
N VAL B 135 -4.49 0.73 1.93
CA VAL B 135 -3.24 0.24 1.37
C VAL B 135 -2.42 -0.26 2.55
N SER B 136 -2.35 -1.57 2.72
CA SER B 136 -1.65 -2.12 3.87
C SER B 136 -1.07 -3.48 3.49
N SER B 137 0.07 -3.80 4.10
CA SER B 137 0.64 -5.12 3.90
C SER B 137 -0.07 -6.20 4.70
N ALA B 138 -0.94 -5.83 5.63
CA ALA B 138 -1.56 -6.76 6.56
C ALA B 138 -2.75 -7.47 5.90
N SER B 139 -3.00 -8.71 6.32
CA SER B 139 -4.15 -9.42 5.80
C SER B 139 -5.41 -9.06 6.58
N THR B 140 -6.56 -9.36 5.98
CA THR B 140 -7.85 -9.15 6.62
C THR B 140 -8.01 -10.02 7.87
N LYS B 141 -8.70 -9.48 8.88
CA LYS B 141 -9.00 -10.19 10.12
C LYS B 141 -10.42 -9.83 10.60
N GLY B 142 -11.25 -10.84 10.80
CA GLY B 142 -12.59 -10.65 11.30
C GLY B 142 -12.67 -10.50 12.81
N PRO B 143 -13.69 -9.78 13.26
CA PRO B 143 -13.85 -9.51 14.69
C PRO B 143 -14.44 -10.67 15.45
N SER B 144 -14.18 -10.66 16.75
CA SER B 144 -15.01 -11.36 17.72
C SER B 144 -16.07 -10.39 18.26
N VAL B 145 -17.28 -10.88 18.49
CA VAL B 145 -18.37 -10.04 18.99
C VAL B 145 -18.74 -10.51 20.39
N PHE B 146 -18.52 -9.64 21.38
CA PHE B 146 -18.84 -9.98 22.76
C PHE B 146 -19.94 -9.10 23.31
N PRO B 147 -20.82 -9.65 24.15
CA PRO B 147 -21.91 -8.85 24.71
C PRO B 147 -21.38 -7.96 25.82
N LEU B 148 -21.92 -6.74 25.88
CA LEU B 148 -21.76 -5.90 27.06
C LEU B 148 -23.05 -6.03 27.86
N ALA B 149 -23.00 -6.86 28.87
CA ALA B 149 -24.22 -7.15 29.59
C ALA B 149 -24.20 -6.40 30.91
N PRO B 150 -25.32 -5.75 31.21
CA PRO B 150 -25.43 -4.95 32.43
C PRO B 150 -25.77 -5.83 33.61
N SER B 151 -25.19 -5.51 34.76
CA SER B 151 -25.66 -6.14 35.99
C SER B 151 -27.14 -5.82 36.19
N SER B 152 -27.83 -6.72 36.88
CA SER B 152 -29.24 -6.48 37.16
C SER B 152 -29.42 -5.29 38.09
N LYS B 153 -28.37 -4.97 38.87
CA LYS B 153 -28.41 -3.79 39.73
C LYS B 153 -28.33 -2.51 38.92
N SER B 154 -27.56 -2.51 37.83
CA SER B 154 -27.48 -1.35 36.95
C SER B 154 -28.83 -1.03 36.30
N THR B 155 -29.73 -2.03 36.22
CA THR B 155 -31.05 -1.87 35.59
C THR B 155 -32.11 -1.31 36.54
N SER B 156 -31.81 -1.24 37.84
CA SER B 156 -32.84 -0.90 38.83
C SER B 156 -33.34 0.52 38.68
N GLY B 157 -32.54 1.42 38.13
CA GLY B 157 -32.98 2.78 37.95
C GLY B 157 -33.97 3.04 36.85
N GLY B 158 -34.54 1.99 36.26
CA GLY B 158 -35.48 2.12 35.16
C GLY B 158 -34.84 2.08 33.79
N THR B 159 -33.57 2.48 33.69
CA THR B 159 -32.83 2.45 32.45
C THR B 159 -31.72 1.42 32.55
N ALA B 160 -31.57 0.62 31.51
CA ALA B 160 -30.49 -0.36 31.45
C ALA B 160 -29.68 -0.09 30.20
N ALA B 161 -28.36 -0.21 30.31
CA ALA B 161 -27.49 -0.05 29.17
C ALA B 161 -26.94 -1.41 28.80
N LEU B 162 -26.92 -1.70 27.51
CA LEU B 162 -26.34 -2.96 27.07
C LEU B 162 -25.60 -2.68 25.77
N GLY B 163 -24.75 -3.61 25.36
CA GLY B 163 -24.02 -3.36 24.13
C GLY B 163 -23.24 -4.57 23.67
N CYS B 164 -22.47 -4.34 22.61
CA CYS B 164 -21.65 -5.35 21.95
C CYS B 164 -20.25 -4.79 21.75
N LEU B 165 -19.24 -5.59 22.05
CA LEU B 165 -17.86 -5.24 21.82
C LEU B 165 -17.36 -6.00 20.60
N VAL B 166 -16.93 -5.27 19.57
CA VAL B 166 -16.52 -5.84 18.30
C VAL B 166 -15.00 -5.67 18.22
N LYS B 167 -14.28 -6.73 18.54
CA LYS B 167 -12.88 -6.63 18.92
C LYS B 167 -11.99 -7.33 17.90
N ASP B 168 -10.82 -6.72 17.63
CA ASP B 168 -9.72 -7.35 16.93
C ASP B 168 -10.06 -7.61 15.46
N TYR B 169 -10.32 -6.55 14.70
CA TYR B 169 -10.56 -6.65 13.27
C TYR B 169 -9.65 -5.71 12.47
N PHE B 170 -9.62 -5.98 11.17
CA PHE B 170 -8.81 -5.21 10.21
C PHE B 170 -9.20 -5.57 8.78
N PRO B 171 -9.29 -4.59 7.87
CA PRO B 171 -9.18 -3.16 8.11
C PRO B 171 -10.53 -2.58 8.51
N GLU B 172 -10.69 -1.27 8.48
CA GLU B 172 -12.01 -0.66 8.64
C GLU B 172 -12.81 -0.90 7.35
N PRO B 173 -14.15 -0.78 7.40
CA PRO B 173 -15.00 -0.45 8.55
C PRO B 173 -15.82 -1.60 9.06
N VAL B 174 -16.35 -1.40 10.25
CA VAL B 174 -17.38 -2.24 10.84
C VAL B 174 -18.63 -1.37 11.00
N THR B 175 -19.79 -1.99 10.83
CA THR B 175 -21.07 -1.34 11.11
C THR B 175 -21.84 -2.19 12.10
N VAL B 176 -22.63 -1.51 12.92
CA VAL B 176 -23.47 -2.15 13.93
C VAL B 176 -24.83 -1.48 13.86
N SER B 177 -25.89 -2.29 13.79
CA SER B 177 -27.24 -1.80 14.02
C SER B 177 -27.84 -2.64 15.14
N TRP B 178 -29.02 -2.25 15.57
CA TRP B 178 -29.71 -2.92 16.65
C TRP B 178 -31.10 -3.31 16.17
N ASN B 179 -31.51 -4.53 16.49
CA ASN B 179 -32.83 -5.03 16.09
C ASN B 179 -33.13 -4.70 14.63
N SER B 180 -32.19 -5.06 13.76
CA SER B 180 -32.29 -4.86 12.31
C SER B 180 -32.54 -3.40 11.92
N GLY B 181 -32.04 -2.46 12.71
CA GLY B 181 -32.24 -1.05 12.41
C GLY B 181 -33.49 -0.44 13.00
N ALA B 182 -34.42 -1.25 13.51
CA ALA B 182 -35.62 -0.73 14.14
C ALA B 182 -35.31 0.02 15.43
N LEU B 183 -34.23 -0.35 16.10
CA LEU B 183 -33.88 0.28 17.38
C LEU B 183 -32.75 1.26 17.09
N THR B 184 -33.07 2.56 17.19
CA THR B 184 -32.17 3.69 16.99
C THR B 184 -32.14 4.64 18.17
N SER B 185 -33.28 4.89 18.81
CA SER B 185 -33.30 5.82 19.93
C SER B 185 -32.45 5.30 21.07
N GLY B 186 -31.50 6.12 21.51
CA GLY B 186 -30.61 5.73 22.59
C GLY B 186 -29.43 4.87 22.17
N VAL B 187 -29.21 4.69 20.87
CA VAL B 187 -28.08 3.93 20.36
C VAL B 187 -26.86 4.82 20.20
N HIS B 188 -25.73 4.41 20.77
CA HIS B 188 -24.45 5.06 20.52
C HIS B 188 -23.46 4.00 20.01
N THR B 189 -23.06 4.14 18.77
CA THR B 189 -22.05 3.32 18.14
C THR B 189 -20.79 4.16 18.00
N PHE B 190 -19.76 3.80 18.73
CA PHE B 190 -18.55 4.57 18.90
C PHE B 190 -17.63 4.47 17.69
N PRO B 191 -16.78 5.49 17.46
CA PRO B 191 -15.73 5.35 16.43
C PRO B 191 -14.84 4.19 16.81
N ALA B 192 -14.32 3.50 15.80
CA ALA B 192 -13.36 2.44 16.08
C ALA B 192 -12.13 3.04 16.76
N VAL B 193 -11.51 2.27 17.66
CA VAL B 193 -10.25 2.64 18.28
C VAL B 193 -9.18 1.67 17.79
N LEU B 194 -7.98 2.22 17.60
CA LEU B 194 -6.81 1.44 17.21
C LEU B 194 -6.17 0.84 18.46
N GLN B 195 -6.18 -0.48 18.56
CA GLN B 195 -5.55 -1.05 19.74
C GLN B 195 -4.04 -1.11 19.59
N SER B 196 -3.39 -1.31 20.72
CA SER B 196 -1.94 -1.40 20.71
C SER B 196 -1.46 -2.59 19.90
N SER B 197 -2.31 -3.61 19.75
CA SER B 197 -1.97 -4.75 18.89
C SER B 197 -2.01 -4.39 17.43
N GLY B 198 -2.51 -3.21 17.09
CA GLY B 198 -2.63 -2.80 15.71
C GLY B 198 -3.93 -3.20 15.02
N LEU B 199 -4.86 -3.84 15.74
CA LEU B 199 -6.17 -4.18 15.22
C LEU B 199 -7.20 -3.22 15.77
N TYR B 200 -8.26 -2.97 15.00
CA TYR B 200 -9.29 -2.06 15.48
C TYR B 200 -10.25 -2.77 16.42
N SER B 201 -11.06 -1.96 17.08
CA SER B 201 -12.09 -2.47 17.97
C SER B 201 -13.15 -1.38 18.03
N LEU B 202 -14.41 -1.79 18.13
CA LEU B 202 -15.50 -0.82 18.17
C LEU B 202 -16.56 -1.32 19.12
N SER B 203 -17.17 -0.39 19.85
CA SER B 203 -18.27 -0.69 20.75
C SER B 203 -19.55 -0.05 20.22
N SER B 204 -20.68 -0.68 20.51
CA SER B 204 -21.98 -0.07 20.29
C SER B 204 -22.88 -0.39 21.48
N VAL B 205 -23.64 0.60 21.94
CA VAL B 205 -24.42 0.45 23.17
C VAL B 205 -25.82 0.99 22.92
N VAL B 206 -26.72 0.61 23.81
CA VAL B 206 -28.05 1.19 23.78
C VAL B 206 -28.57 1.15 25.20
N THR B 207 -29.28 2.20 25.56
CA THR B 207 -30.03 2.25 26.80
C THR B 207 -31.49 2.06 26.45
N VAL B 208 -32.17 1.28 27.28
CA VAL B 208 -33.56 0.92 27.06
C VAL B 208 -34.24 0.86 28.42
N PRO B 209 -35.57 0.96 28.44
CA PRO B 209 -36.29 0.75 29.70
C PRO B 209 -36.03 -0.66 30.23
N SER B 210 -35.75 -0.76 31.53
CA SER B 210 -35.70 -2.08 32.16
C SER B 210 -37.05 -2.80 32.10
N SER B 211 -38.15 -2.05 32.02
CA SER B 211 -39.48 -2.62 31.85
C SER B 211 -39.62 -3.48 30.60
N SER B 212 -38.64 -3.42 29.69
CA SER B 212 -38.71 -4.16 28.43
C SER B 212 -37.82 -5.40 28.40
N LEU B 213 -36.93 -5.59 29.39
CA LEU B 213 -35.91 -6.65 29.42
C LEU B 213 -36.36 -8.11 29.41
N GLY B 214 -37.66 -8.36 29.26
CA GLY B 214 -38.17 -9.72 29.28
C GLY B 214 -39.02 -10.00 28.06
N THR B 215 -39.91 -9.06 27.73
CA THR B 215 -40.74 -9.24 26.53
C THR B 215 -39.97 -8.91 25.26
N GLN B 216 -39.07 -7.92 25.31
CA GLN B 216 -38.35 -7.49 24.13
C GLN B 216 -36.97 -8.13 24.08
N THR B 217 -36.45 -8.20 22.88
CA THR B 217 -35.17 -8.82 22.60
C THR B 217 -34.21 -7.79 22.02
N TYR B 218 -32.98 -7.73 22.53
CA TYR B 218 -31.99 -6.78 22.05
C TYR B 218 -30.83 -7.53 21.38
N ILE B 219 -30.70 -7.33 20.06
CA ILE B 219 -29.74 -8.01 19.21
C ILE B 219 -28.94 -6.96 18.46
N CYS B 220 -27.61 -7.07 18.51
CA CYS B 220 -26.77 -6.20 17.71
C CYS B 220 -26.35 -6.95 16.45
N ASN B 221 -26.48 -6.28 15.31
CA ASN B 221 -26.22 -6.86 14.01
C ASN B 221 -24.89 -6.28 13.52
N VAL B 222 -23.85 -7.11 13.52
CA VAL B 222 -22.49 -6.66 13.21
C VAL B 222 -22.11 -7.15 11.82
N ASN B 223 -21.58 -6.24 11.00
CA ASN B 223 -21.09 -6.59 9.67
C ASN B 223 -19.68 -6.03 9.51
N HIS B 224 -18.74 -6.90 9.16
CA HIS B 224 -17.39 -6.53 8.76
C HIS B 224 -17.22 -7.13 7.37
N LYS B 225 -17.59 -6.35 6.36
CA LYS B 225 -17.57 -6.86 4.99
C LYS B 225 -16.18 -7.26 4.51
N PRO B 226 -15.10 -6.54 4.78
CA PRO B 226 -13.79 -6.99 4.26
C PRO B 226 -13.46 -8.43 4.61
N SER B 227 -14.04 -8.99 5.67
CA SER B 227 -13.81 -10.38 6.05
C SER B 227 -15.06 -11.24 5.87
N ASN B 228 -16.12 -10.68 5.26
CA ASN B 228 -17.39 -11.37 5.08
C ASN B 228 -17.90 -11.97 6.39
N THR B 229 -17.78 -11.20 7.47
CA THR B 229 -18.33 -11.54 8.78
C THR B 229 -19.63 -10.78 8.96
N LYS B 230 -20.70 -11.51 9.27
CA LYS B 230 -21.97 -10.92 9.67
C LYS B 230 -22.44 -11.67 10.91
N VAL B 231 -22.62 -10.96 12.03
CA VAL B 231 -22.95 -11.60 13.30
C VAL B 231 -24.09 -10.87 14.00
N ASP B 232 -25.10 -11.64 14.41
CA ASP B 232 -26.16 -11.17 15.30
C ASP B 232 -25.90 -11.73 16.69
N LYS B 233 -25.80 -10.88 17.71
CA LYS B 233 -25.58 -11.34 19.07
C LYS B 233 -26.69 -10.79 19.97
N ARG B 234 -27.44 -11.67 20.63
CA ARG B 234 -28.41 -11.22 21.59
C ARG B 234 -27.70 -10.85 22.87
N VAL B 235 -28.06 -9.70 23.42
CA VAL B 235 -27.51 -9.23 24.69
C VAL B 235 -28.62 -9.22 25.73
N GLU B 236 -28.41 -9.98 26.82
CA GLU B 236 -29.31 -10.03 27.96
C GLU B 236 -28.52 -9.70 29.22
N PRO B 237 -29.12 -9.02 30.19
CA PRO B 237 -28.42 -8.76 31.44
C PRO B 237 -28.28 -10.03 32.25
N LYS B 238 -27.29 -10.05 33.13
CA LYS B 238 -27.09 -11.20 33.97
C LYS B 238 -27.00 -10.78 35.44
N GLU C 20 -20.27 -23.82 -46.21
CA GLU C 20 -20.77 -22.69 -45.42
C GLU C 20 -21.10 -21.49 -46.29
N THR C 21 -21.68 -20.42 -45.72
CA THR C 21 -21.84 -19.17 -46.45
C THR C 21 -20.55 -18.35 -46.32
N THR C 22 -20.12 -17.72 -47.41
CA THR C 22 -18.90 -16.94 -47.42
C THR C 22 -19.21 -15.45 -47.36
N VAL C 23 -18.47 -14.75 -46.51
CA VAL C 23 -18.69 -13.34 -46.26
C VAL C 23 -17.38 -12.64 -46.61
N THR C 24 -17.46 -11.67 -47.53
CA THR C 24 -16.32 -10.91 -48.03
C THR C 24 -16.48 -9.42 -47.71
N GLN C 25 -15.46 -8.80 -47.14
CA GLN C 25 -15.51 -7.39 -46.77
C GLN C 25 -14.61 -6.54 -47.68
N SER C 26 -15.04 -5.29 -47.90
CA SER C 26 -14.31 -4.28 -48.71
C SER C 26 -14.38 -2.89 -48.08
N PRO C 27 -13.26 -2.15 -48.06
CA PRO C 27 -11.94 -2.64 -48.42
C PRO C 27 -11.40 -3.40 -47.21
N SER C 28 -10.29 -4.13 -47.31
CA SER C 28 -9.79 -4.80 -46.12
C SER C 28 -9.13 -3.82 -45.15
N SER C 29 -8.61 -2.71 -45.63
CA SER C 29 -8.13 -1.65 -44.74
C SER C 29 -8.29 -0.32 -45.43
N MET C 30 -8.37 0.75 -44.64
CA MET C 30 -8.49 2.07 -45.23
C MET C 30 -8.14 3.13 -44.18
N TYR C 31 -7.73 4.30 -44.68
CA TYR C 31 -7.45 5.48 -43.87
C TYR C 31 -8.46 6.57 -44.16
N ALA C 32 -8.83 7.34 -43.13
CA ALA C 32 -9.74 8.45 -43.31
C ALA C 32 -9.40 9.52 -42.29
N SER C 33 -9.85 10.76 -42.55
CA SER C 33 -9.59 11.88 -41.66
C SER C 33 -10.80 12.14 -40.78
N LEU C 34 -10.58 12.82 -39.65
CA LEU C 34 -11.67 13.06 -38.70
C LEU C 34 -12.76 13.88 -39.36
N GLY C 35 -14.02 13.49 -39.13
CA GLY C 35 -15.13 14.20 -39.73
C GLY C 35 -15.61 13.65 -41.04
N GLU C 36 -14.86 12.72 -41.63
CA GLU C 36 -15.17 12.19 -42.94
C GLU C 36 -16.26 11.14 -42.82
N ARG C 37 -16.98 10.95 -43.91
CA ARG C 37 -18.00 9.92 -44.00
C ARG C 37 -17.33 8.63 -44.48
N VAL C 38 -17.54 7.54 -43.75
CA VAL C 38 -16.90 6.26 -44.07
C VAL C 38 -17.98 5.22 -44.33
N THR C 39 -17.76 4.40 -45.37
CA THR C 39 -18.65 3.30 -45.73
C THR C 39 -17.84 2.03 -45.99
N ILE C 40 -18.21 0.95 -45.31
CA ILE C 40 -17.64 -0.37 -45.50
C ILE C 40 -18.73 -1.24 -46.07
N THR C 41 -18.36 -2.18 -46.93
CA THR C 41 -19.36 -3.06 -47.48
C THR C 41 -19.08 -4.51 -47.09
N CYS C 42 -20.15 -5.30 -47.12
CA CYS C 42 -20.09 -6.68 -46.68
C CYS C 42 -20.98 -7.50 -47.59
N LYS C 43 -20.38 -8.44 -48.31
CA LYS C 43 -21.10 -9.22 -49.32
C LYS C 43 -21.07 -10.69 -48.95
N ALA C 44 -22.25 -11.32 -48.95
CA ALA C 44 -22.38 -12.74 -48.67
C ALA C 44 -22.59 -13.54 -49.96
N SER C 45 -22.09 -14.78 -49.96
CA SER C 45 -22.24 -15.68 -51.10
C SER C 45 -23.69 -16.08 -51.40
N GLN C 46 -24.64 -15.75 -50.53
CA GLN C 46 -26.03 -16.10 -50.76
C GLN C 46 -26.90 -15.13 -49.96
N ASP C 47 -28.20 -15.13 -50.27
CA ASP C 47 -29.14 -14.34 -49.49
C ASP C 47 -29.08 -14.72 -48.02
N ILE C 48 -28.94 -13.74 -47.14
CA ILE C 48 -28.88 -14.02 -45.70
C ILE C 48 -29.98 -13.33 -44.91
N ASN C 49 -31.00 -12.79 -45.60
CA ASN C 49 -32.23 -12.33 -44.96
C ASN C 49 -31.95 -11.26 -43.90
N SER C 50 -30.95 -10.41 -44.14
CA SER C 50 -30.56 -9.32 -43.26
C SER C 50 -30.14 -9.80 -41.86
N TYR C 51 -29.88 -11.10 -41.70
CA TYR C 51 -29.32 -11.57 -40.44
C TYR C 51 -27.81 -11.32 -40.55
N LEU C 52 -27.44 -10.06 -40.34
CA LEU C 52 -26.06 -9.64 -40.46
C LEU C 52 -25.75 -8.67 -39.34
N SER C 53 -24.63 -8.90 -38.67
CA SER C 53 -24.21 -8.09 -37.53
C SER C 53 -22.81 -7.54 -37.76
N TRP C 54 -22.55 -6.35 -37.18
CA TRP C 54 -21.31 -5.60 -37.32
C TRP C 54 -20.64 -5.45 -35.96
N PHE C 55 -19.32 -5.69 -35.90
CA PHE C 55 -18.57 -5.58 -34.64
C PHE C 55 -17.33 -4.69 -34.82
N GLN C 56 -17.04 -3.90 -33.79
CA GLN C 56 -15.82 -3.11 -33.70
C GLN C 56 -14.90 -3.76 -32.69
N GLN C 57 -13.66 -4.00 -33.10
CA GLN C 57 -12.64 -4.57 -32.22
C GLN C 57 -11.45 -3.62 -32.20
N LYS C 58 -11.11 -3.16 -31.04
CA LYS C 58 -9.88 -2.39 -30.91
C LYS C 58 -8.73 -3.32 -30.51
N PRO C 59 -7.47 -2.98 -30.81
CA PRO C 59 -6.37 -3.93 -30.62
C PRO C 59 -6.24 -4.36 -29.16
N GLY C 60 -6.08 -5.66 -28.95
CA GLY C 60 -5.98 -6.19 -27.61
C GLY C 60 -7.25 -6.11 -26.81
N LYS C 61 -8.41 -5.95 -27.45
CA LYS C 61 -9.69 -5.87 -26.76
C LYS C 61 -10.69 -6.84 -27.38
N SER C 62 -11.77 -7.05 -26.69
CA SER C 62 -12.75 -7.97 -27.20
C SER C 62 -13.68 -7.23 -28.16
N PRO C 63 -14.30 -7.94 -29.11
CA PRO C 63 -15.25 -7.27 -30.02
C PRO C 63 -16.38 -6.57 -29.28
N LYS C 64 -16.89 -5.51 -29.88
CA LYS C 64 -18.02 -4.74 -29.38
C LYS C 64 -19.09 -4.78 -30.44
N THR C 65 -20.31 -5.14 -30.05
CA THR C 65 -21.39 -5.27 -31.01
C THR C 65 -21.93 -3.89 -31.37
N LEU C 66 -22.17 -3.67 -32.66
CA LEU C 66 -22.63 -2.37 -33.12
C LEU C 66 -24.03 -2.45 -33.71
N ILE C 67 -24.28 -3.39 -34.62
CA ILE C 67 -25.54 -3.44 -35.34
C ILE C 67 -25.97 -4.89 -35.46
N TYR C 68 -27.28 -5.14 -35.38
CA TYR C 68 -27.83 -6.43 -35.71
C TYR C 68 -28.99 -6.26 -36.70
N ARG C 69 -29.36 -7.37 -37.35
CA ARG C 69 -30.40 -7.34 -38.39
C ARG C 69 -30.12 -6.22 -39.38
N ALA C 70 -28.87 -6.19 -39.86
CA ALA C 70 -28.43 -5.27 -40.90
C ALA C 70 -28.45 -3.80 -40.47
N SER C 71 -29.42 -3.36 -39.65
CA SER C 71 -29.54 -1.93 -39.42
C SER C 71 -30.01 -1.53 -38.02
N ARG C 72 -30.06 -2.42 -37.04
CA ARG C 72 -30.57 -2.07 -35.72
C ARG C 72 -29.38 -1.72 -34.86
N LEU C 73 -29.38 -0.53 -34.27
CA LEU C 73 -28.29 -0.10 -33.42
C LEU C 73 -28.42 -0.73 -32.05
N VAL C 74 -27.31 -1.21 -31.52
CA VAL C 74 -27.30 -1.70 -30.15
C VAL C 74 -27.29 -0.49 -29.24
N ASP C 75 -28.02 -0.56 -28.13
CA ASP C 75 -28.11 0.58 -27.22
C ASP C 75 -26.73 1.10 -26.84
N GLY C 76 -26.58 2.43 -26.89
CA GLY C 76 -25.32 3.07 -26.57
C GLY C 76 -24.41 3.37 -27.75
N VAL C 77 -24.65 2.76 -28.90
CA VAL C 77 -23.82 3.04 -30.08
C VAL C 77 -24.21 4.40 -30.65
N PRO C 78 -23.26 5.32 -30.85
CA PRO C 78 -23.61 6.64 -31.36
C PRO C 78 -24.40 6.57 -32.66
N SER C 79 -25.25 7.58 -32.89
CA SER C 79 -26.14 7.58 -34.05
C SER C 79 -25.39 7.81 -35.34
N ARG C 80 -24.15 8.31 -35.28
CA ARG C 80 -23.37 8.46 -36.50
C ARG C 80 -23.13 7.12 -37.16
N PHE C 81 -23.19 6.02 -36.40
CA PHE C 81 -23.09 4.69 -36.99
C PHE C 81 -24.44 4.31 -37.58
N SER C 82 -24.42 3.81 -38.81
CA SER C 82 -25.62 3.42 -39.51
C SER C 82 -25.28 2.21 -40.37
N GLY C 83 -26.17 1.23 -40.40
CA GLY C 83 -26.01 0.07 -41.27
C GLY C 83 -27.19 -0.06 -42.20
N SER C 84 -26.95 -0.70 -43.34
CA SER C 84 -27.98 -0.80 -44.38
C SER C 84 -27.74 -2.04 -45.23
N GLY C 85 -28.75 -2.42 -46.02
CA GLY C 85 -28.61 -3.48 -47.00
C GLY C 85 -29.75 -4.48 -47.07
N SER C 86 -29.65 -5.44 -47.99
CA SER C 86 -30.62 -6.53 -48.11
C SER C 86 -30.04 -7.58 -49.05
N GLY C 87 -30.63 -8.76 -49.02
CA GLY C 87 -30.18 -9.83 -49.87
C GLY C 87 -28.79 -10.28 -49.50
N GLN C 88 -27.82 -10.04 -50.37
CA GLN C 88 -26.43 -10.36 -50.11
C GLN C 88 -25.55 -9.16 -49.83
N ASP C 89 -26.02 -7.94 -50.09
CA ASP C 89 -25.16 -6.78 -50.13
C ASP C 89 -25.56 -5.82 -49.03
N TYR C 90 -24.62 -5.57 -48.12
CA TYR C 90 -24.87 -4.77 -46.93
C TYR C 90 -23.73 -3.78 -46.74
N SER C 91 -23.98 -2.80 -45.89
CA SER C 91 -22.96 -1.79 -45.68
C SER C 91 -23.10 -1.23 -44.26
N LEU C 92 -21.98 -0.77 -43.73
CA LEU C 92 -21.95 0.04 -42.51
C LEU C 92 -21.42 1.43 -42.88
N THR C 93 -21.95 2.46 -42.23
CA THR C 93 -21.55 3.81 -42.57
C THR C 93 -21.38 4.65 -41.31
N ILE C 94 -20.26 5.37 -41.24
CA ILE C 94 -20.02 6.34 -40.17
C ILE C 94 -20.11 7.71 -40.80
N SER C 95 -21.10 8.50 -40.36
CA SER C 95 -21.43 9.75 -41.03
C SER C 95 -20.31 10.78 -40.87
N SER C 96 -19.71 10.85 -39.68
CA SER C 96 -18.60 11.75 -39.41
C SER C 96 -17.62 11.03 -38.49
N LEU C 97 -16.48 10.58 -39.06
CA LEU C 97 -15.54 9.77 -38.31
C LEU C 97 -15.02 10.55 -37.11
N GLU C 98 -14.85 9.85 -35.99
CA GLU C 98 -14.24 10.43 -34.79
C GLU C 98 -13.14 9.51 -34.32
N TYR C 99 -12.23 10.08 -33.53
CA TYR C 99 -11.00 9.40 -33.14
C TYR C 99 -11.27 8.02 -32.54
N GLU C 100 -12.33 7.88 -31.76
CA GLU C 100 -12.64 6.62 -31.11
C GLU C 100 -13.15 5.55 -32.08
N ASP C 101 -13.47 5.90 -33.32
CA ASP C 101 -14.00 4.93 -34.26
C ASP C 101 -12.91 4.04 -34.90
N MET C 102 -11.63 4.31 -34.64
CA MET C 102 -10.58 3.50 -35.24
C MET C 102 -10.57 2.09 -34.67
N GLY C 103 -10.26 1.14 -35.53
CA GLY C 103 -10.18 -0.24 -35.14
C GLY C 103 -10.46 -1.12 -36.33
N ILE C 104 -10.76 -2.38 -36.05
CA ILE C 104 -11.13 -3.34 -37.08
C ILE C 104 -12.61 -3.65 -36.94
N TYR C 105 -13.33 -3.60 -38.06
CA TYR C 105 -14.77 -3.83 -38.10
C TYR C 105 -15.01 -5.16 -38.80
N TYR C 106 -15.77 -6.04 -38.17
CA TYR C 106 -16.11 -7.34 -38.76
C TYR C 106 -17.62 -7.37 -39.01
N CYS C 107 -18.04 -7.96 -40.13
CA CYS C 107 -19.45 -8.26 -40.31
C CYS C 107 -19.64 -9.75 -40.11
N LEU C 108 -20.82 -10.12 -39.61
CA LEU C 108 -21.14 -11.49 -39.23
C LEU C 108 -22.46 -11.91 -39.83
N GLN C 109 -22.42 -12.95 -40.63
CA GLN C 109 -23.61 -13.59 -41.19
C GLN C 109 -24.15 -14.56 -40.14
N TYR C 110 -25.39 -14.38 -39.71
CA TYR C 110 -25.89 -15.36 -38.75
C TYR C 110 -27.21 -15.95 -39.19
N ASP C 111 -27.35 -16.13 -40.51
CA ASP C 111 -28.56 -16.70 -41.07
C ASP C 111 -28.56 -18.22 -40.92
N GLU C 112 -27.53 -18.87 -41.46
CA GLU C 112 -27.41 -20.32 -41.38
C GLU C 112 -26.13 -20.67 -40.65
N PHE C 113 -26.22 -21.63 -39.73
CA PHE C 113 -25.01 -22.12 -39.07
C PHE C 113 -24.21 -22.98 -40.05
N PRO C 114 -22.87 -22.92 -40.02
CA PRO C 114 -21.96 -22.14 -39.18
C PRO C 114 -21.98 -20.63 -39.47
N TYR C 115 -22.12 -19.80 -38.43
CA TYR C 115 -22.14 -18.35 -38.57
C TYR C 115 -20.75 -17.86 -38.92
N THR C 116 -20.62 -17.22 -40.07
CA THR C 116 -19.34 -16.86 -40.65
C THR C 116 -19.09 -15.35 -40.60
N PHE C 117 -17.83 -14.98 -40.37
CA PHE C 117 -17.43 -13.57 -40.30
C PHE C 117 -16.74 -13.16 -41.60
N GLY C 118 -16.76 -11.84 -41.87
CA GLY C 118 -15.94 -11.32 -42.94
C GLY C 118 -14.49 -11.20 -42.52
N GLY C 119 -13.61 -10.92 -43.48
CA GLY C 119 -12.19 -10.77 -43.17
C GLY C 119 -11.86 -9.54 -42.35
N GLY C 120 -12.79 -8.59 -42.26
CA GLY C 120 -12.55 -7.41 -41.46
C GLY C 120 -11.98 -6.26 -42.24
N THR C 121 -12.41 -5.05 -41.88
CA THR C 121 -11.94 -3.82 -42.47
C THR C 121 -11.18 -3.05 -41.40
N LYS C 122 -9.90 -2.80 -41.64
CA LYS C 122 -9.12 -2.02 -40.69
C LYS C 122 -9.33 -0.55 -41.02
N LEU C 123 -9.75 0.22 -40.03
CA LEU C 123 -9.96 1.66 -40.20
C LEU C 123 -8.89 2.38 -39.39
N GLU C 124 -8.09 3.22 -40.05
CA GLU C 124 -7.06 4.00 -39.37
C GLU C 124 -7.19 5.46 -39.75
N ILE C 125 -6.52 6.32 -38.97
CA ILE C 125 -6.66 7.77 -39.14
C ILE C 125 -5.51 8.32 -39.98
N LYS C 126 -5.85 9.14 -40.97
CA LYS C 126 -4.91 9.86 -41.82
C LYS C 126 -4.20 10.98 -41.05
N ARG C 127 -2.95 11.23 -41.43
CA ARG C 127 -2.18 12.34 -40.90
C ARG C 127 -1.07 12.65 -41.92
N THR C 128 -0.26 13.66 -41.60
CA THR C 128 0.78 14.04 -42.54
C THR C 128 1.95 13.07 -42.48
N VAL C 129 2.66 12.98 -43.61
CA VAL C 129 3.92 12.25 -43.63
C VAL C 129 4.77 12.69 -42.45
N ALA C 130 5.47 11.73 -41.86
CA ALA C 130 6.38 12.02 -40.75
C ALA C 130 7.57 11.10 -40.93
N ALA C 131 8.76 11.67 -40.89
CA ALA C 131 9.94 10.87 -41.08
C ALA C 131 10.33 10.23 -39.75
N PRO C 132 10.90 9.03 -39.78
CA PRO C 132 11.28 8.34 -38.55
C PRO C 132 12.56 8.88 -37.94
N SER C 133 12.61 8.89 -36.61
CA SER C 133 13.90 8.94 -35.93
C SER C 133 14.44 7.51 -35.93
N VAL C 134 15.68 7.34 -36.37
CA VAL C 134 16.32 6.02 -36.49
C VAL C 134 17.37 5.86 -35.41
N PHE C 135 17.39 4.69 -34.77
CA PHE C 135 18.39 4.37 -33.77
C PHE C 135 18.86 2.93 -33.98
N ILE C 136 20.14 2.68 -33.74
CA ILE C 136 20.70 1.33 -33.83
C ILE C 136 21.26 0.94 -32.47
N PHE C 137 21.05 -0.32 -32.08
CA PHE C 137 21.49 -0.82 -30.79
C PHE C 137 22.37 -2.05 -30.98
N PRO C 138 23.62 -2.02 -30.56
CA PRO C 138 24.47 -3.22 -30.64
C PRO C 138 23.99 -4.29 -29.66
N PRO C 139 24.42 -5.53 -29.84
CA PRO C 139 24.08 -6.57 -28.85
C PRO C 139 24.76 -6.29 -27.54
N SER C 140 24.06 -6.58 -26.45
CA SER C 140 24.68 -6.48 -25.13
C SER C 140 25.80 -7.51 -24.95
N ASP C 141 26.81 -7.15 -24.15
CA ASP C 141 27.82 -8.13 -23.77
C ASP C 141 27.18 -9.34 -23.08
N GLU C 142 26.25 -9.07 -22.17
CA GLU C 142 25.48 -10.13 -21.52
C GLU C 142 24.91 -11.12 -22.54
N GLN C 143 24.23 -10.63 -23.58
CA GLN C 143 23.67 -11.56 -24.55
C GLN C 143 24.76 -12.37 -25.23
N LEU C 144 25.88 -11.72 -25.55
CA LEU C 144 26.94 -12.43 -26.26
C LEU C 144 27.50 -13.58 -25.43
N LYS C 145 27.51 -13.46 -24.10
CA LYS C 145 27.95 -14.55 -23.24
C LYS C 145 27.24 -15.86 -23.55
N SER C 146 26.03 -15.80 -24.10
CA SER C 146 25.25 -16.97 -24.40
C SER C 146 25.41 -17.42 -25.85
N GLY C 147 26.21 -16.71 -26.66
CA GLY C 147 26.51 -17.18 -28.00
C GLY C 147 25.65 -16.63 -29.12
N THR C 148 24.69 -15.74 -28.83
CA THR C 148 23.89 -15.10 -29.86
C THR C 148 24.00 -13.58 -29.79
N ALA C 149 23.91 -12.95 -30.95
CA ALA C 149 23.99 -11.51 -31.04
C ALA C 149 22.76 -11.03 -31.79
N SER C 150 21.96 -10.21 -31.15
CA SER C 150 20.85 -9.53 -31.80
C SER C 150 21.22 -8.07 -31.96
N VAL C 151 21.09 -7.55 -33.18
CA VAL C 151 21.29 -6.14 -33.48
C VAL C 151 19.92 -5.55 -33.79
N VAL C 152 19.57 -4.45 -33.13
CA VAL C 152 18.22 -3.92 -33.19
C VAL C 152 18.25 -2.53 -33.80
N CYS C 153 17.39 -2.30 -34.78
CA CYS C 153 17.21 -0.99 -35.41
C CYS C 153 15.81 -0.50 -35.15
N LEU C 154 15.70 0.76 -34.71
CA LEU C 154 14.40 1.32 -34.35
C LEU C 154 14.08 2.50 -35.26
N LEU C 155 12.90 2.45 -35.86
CA LEU C 155 12.31 3.57 -36.58
C LEU C 155 11.20 4.13 -35.69
N ASN C 156 11.37 5.36 -35.22
CA ASN C 156 10.45 5.91 -34.23
C ASN C 156 9.51 6.96 -34.83
N ASN C 157 8.20 6.80 -34.59
CA ASN C 157 7.21 7.86 -34.81
C ASN C 157 7.21 8.34 -36.26
N PHE C 158 6.77 7.46 -37.16
CA PHE C 158 6.77 7.81 -38.57
C PHE C 158 5.41 7.50 -39.21
N TYR C 159 5.20 8.05 -40.41
CA TYR C 159 3.97 7.84 -41.17
C TYR C 159 4.23 8.18 -42.64
N PRO C 160 3.79 7.36 -43.61
CA PRO C 160 2.96 6.13 -43.54
C PRO C 160 3.71 4.89 -43.09
N ARG C 161 3.00 3.75 -43.06
CA ARG C 161 3.55 2.55 -42.46
C ARG C 161 4.68 1.99 -43.30
N GLU C 162 4.59 2.11 -44.62
CA GLU C 162 5.58 1.51 -45.49
C GLU C 162 6.92 2.15 -45.24
N ALA C 163 7.92 1.29 -45.04
CA ALA C 163 9.30 1.68 -44.85
C ALA C 163 10.14 0.51 -45.34
N LYS C 164 11.31 0.82 -45.89
CA LYS C 164 12.25 -0.22 -46.26
C LYS C 164 13.45 -0.08 -45.33
N VAL C 165 13.77 -1.16 -44.64
CA VAL C 165 14.93 -1.27 -43.78
C VAL C 165 15.82 -2.36 -44.37
N GLN C 166 17.12 -2.05 -44.55
CA GLN C 166 18.11 -3.03 -44.98
C GLN C 166 19.28 -2.97 -44.00
N TRP C 167 19.84 -4.11 -43.71
CA TRP C 167 20.98 -4.23 -42.83
C TRP C 167 22.22 -4.36 -43.70
N LYS C 168 23.28 -3.61 -43.37
CA LYS C 168 24.55 -3.73 -44.08
C LYS C 168 25.62 -4.03 -43.04
N VAL C 169 26.30 -5.16 -43.21
CA VAL C 169 27.40 -5.57 -42.37
C VAL C 169 28.66 -5.57 -43.24
N ASP C 170 29.65 -4.75 -42.88
CA ASP C 170 30.87 -4.59 -43.69
C ASP C 170 30.52 -4.44 -45.17
N ASN C 171 29.57 -3.56 -45.44
CA ASN C 171 29.02 -3.20 -46.75
C ASN C 171 28.24 -4.32 -47.45
N ALA C 172 27.88 -5.40 -46.75
CA ALA C 172 27.19 -6.55 -47.34
C ALA C 172 25.71 -6.61 -46.93
N LEU C 173 24.81 -6.63 -47.91
CA LEU C 173 23.38 -6.71 -47.59
C LEU C 173 23.07 -7.99 -46.81
N GLN C 174 22.06 -7.92 -45.95
CA GLN C 174 21.69 -9.11 -45.20
C GLN C 174 20.35 -9.60 -45.74
N SER C 175 20.19 -10.92 -45.73
CA SER C 175 18.97 -11.57 -46.19
C SER C 175 18.71 -12.75 -45.26
N GLY C 176 17.44 -12.89 -44.87
CA GLY C 176 16.94 -14.04 -44.14
C GLY C 176 17.25 -14.07 -42.66
N ASN C 177 17.96 -13.10 -42.12
CA ASN C 177 18.30 -13.13 -40.71
C ASN C 177 17.77 -11.92 -39.93
N SER C 178 16.67 -11.31 -40.39
CA SER C 178 16.13 -10.14 -39.71
C SER C 178 14.61 -10.24 -39.63
N GLN C 179 14.03 -9.79 -38.53
CA GLN C 179 12.56 -9.72 -38.41
C GLN C 179 12.10 -8.34 -37.98
N GLU C 180 11.00 -7.90 -38.56
CA GLU C 180 10.36 -6.63 -38.27
C GLU C 180 9.14 -6.84 -37.38
N SER C 181 8.77 -5.78 -36.68
CA SER C 181 7.56 -5.75 -35.90
C SER C 181 7.14 -4.29 -35.87
N VAL C 182 5.84 -4.02 -35.93
CA VAL C 182 5.32 -2.66 -36.06
C VAL C 182 4.20 -2.44 -35.06
N THR C 183 4.25 -1.32 -34.36
CA THR C 183 3.19 -0.98 -33.43
C THR C 183 1.94 -0.52 -34.18
N GLU C 184 0.82 -0.55 -33.48
CA GLU C 184 -0.37 0.13 -33.94
C GLU C 184 -0.19 1.64 -33.84
N GLN C 185 -1.07 2.37 -34.53
CA GLN C 185 -1.01 3.83 -34.54
C GLN C 185 -1.01 4.38 -33.13
N ASP C 186 -0.07 5.27 -32.85
CA ASP C 186 0.01 5.92 -31.55
C ASP C 186 -1.26 6.72 -31.29
N SER C 187 -1.71 6.70 -30.03
CA SER C 187 -3.00 7.30 -29.71
C SER C 187 -2.96 8.83 -29.70
N LYS C 188 -1.76 9.42 -29.59
CA LYS C 188 -1.56 10.87 -29.60
C LYS C 188 -1.21 11.44 -30.96
N ASP C 189 -0.19 10.90 -31.66
CA ASP C 189 0.22 11.53 -32.91
C ASP C 189 -0.04 10.68 -34.14
N SER C 190 -0.78 9.58 -33.99
CA SER C 190 -1.16 8.69 -35.09
C SER C 190 0.01 8.19 -35.92
N THR C 191 1.22 8.14 -35.36
CA THR C 191 2.36 7.57 -36.05
C THR C 191 2.52 6.08 -35.72
N TYR C 192 3.42 5.44 -36.46
CA TYR C 192 3.83 4.06 -36.25
C TYR C 192 5.28 4.06 -35.80
N SER C 193 5.67 2.96 -35.18
CA SER C 193 7.08 2.70 -34.91
C SER C 193 7.39 1.27 -35.32
N LEU C 194 8.62 1.06 -35.75
CA LEU C 194 9.01 -0.23 -36.26
C LEU C 194 10.34 -0.62 -35.65
N SER C 195 10.50 -1.91 -35.40
CA SER C 195 11.78 -2.45 -34.95
C SER C 195 12.19 -3.55 -35.91
N SER C 196 13.45 -3.51 -36.30
CA SER C 196 14.05 -4.57 -37.11
C SER C 196 15.17 -5.18 -36.26
N THR C 197 15.16 -6.49 -36.16
CA THR C 197 16.07 -7.22 -35.28
C THR C 197 16.90 -8.15 -36.16
N LEU C 198 18.21 -7.91 -36.22
CA LEU C 198 19.14 -8.77 -36.94
C LEU C 198 19.76 -9.77 -35.98
N THR C 199 19.63 -11.06 -36.30
CA THR C 199 20.15 -12.12 -35.44
C THR C 199 21.35 -12.79 -36.10
N LEU C 200 22.43 -12.89 -35.36
CA LEU C 200 23.64 -13.52 -35.85
C LEU C 200 24.23 -14.34 -34.70
N SER C 201 24.95 -15.39 -35.06
CA SER C 201 25.79 -16.08 -34.09
C SER C 201 26.85 -15.13 -33.55
N LYS C 202 27.32 -15.41 -32.34
CA LYS C 202 28.44 -14.64 -31.83
C LYS C 202 29.65 -14.77 -32.72
N ALA C 203 29.85 -15.95 -33.32
CA ALA C 203 31.01 -16.14 -34.18
C ALA C 203 30.92 -15.24 -35.41
N ASP C 204 29.77 -15.25 -36.10
CA ASP C 204 29.61 -14.39 -37.27
C ASP C 204 29.67 -12.91 -36.88
N TYR C 205 29.04 -12.54 -35.76
CA TYR C 205 29.07 -11.17 -35.31
C TYR C 205 30.49 -10.65 -35.09
N GLU C 206 31.34 -11.46 -34.47
CA GLU C 206 32.66 -10.97 -34.14
C GLU C 206 33.62 -10.97 -35.33
N LYS C 207 33.23 -11.57 -36.45
CA LYS C 207 34.02 -11.48 -37.66
C LYS C 207 33.84 -10.17 -38.42
N HIS C 208 33.09 -9.20 -37.88
CA HIS C 208 32.82 -8.02 -38.69
C HIS C 208 32.86 -6.75 -37.85
N LYS C 209 33.01 -5.61 -38.54
CA LYS C 209 33.21 -4.34 -37.85
C LYS C 209 32.00 -3.42 -37.89
N VAL C 210 31.50 -3.10 -39.09
CA VAL C 210 30.54 -2.01 -39.27
C VAL C 210 29.16 -2.61 -39.41
N TYR C 211 28.29 -2.34 -38.45
CA TYR C 211 26.89 -2.79 -38.49
C TYR C 211 26.04 -1.56 -38.72
N ALA C 212 25.31 -1.55 -39.84
CA ALA C 212 24.58 -0.37 -40.27
C ALA C 212 23.13 -0.73 -40.59
N CYS C 213 22.26 0.22 -40.32
CA CYS C 213 20.84 0.10 -40.59
C CYS C 213 20.48 1.21 -41.58
N GLU C 214 19.93 0.84 -42.74
CA GLU C 214 19.58 1.81 -43.78
C GLU C 214 18.07 1.89 -43.93
N VAL C 215 17.51 3.10 -43.81
CA VAL C 215 16.08 3.30 -43.75
C VAL C 215 15.66 4.15 -44.95
N THR C 216 14.78 3.61 -45.78
CA THR C 216 14.18 4.36 -46.88
C THR C 216 12.73 4.62 -46.50
N HIS C 217 12.28 5.86 -46.65
CA HIS C 217 10.93 6.22 -46.24
C HIS C 217 10.49 7.49 -46.96
N GLN C 218 9.20 7.62 -47.18
CA GLN C 218 8.69 8.75 -47.96
C GLN C 218 8.86 10.08 -47.23
N GLY C 219 9.01 10.07 -45.91
CA GLY C 219 9.29 11.32 -45.23
C GLY C 219 10.73 11.78 -45.26
N LEU C 220 11.61 11.02 -45.91
CA LEU C 220 13.03 11.33 -46.05
C LEU C 220 13.40 11.61 -47.50
N SER C 221 14.10 12.71 -47.76
CA SER C 221 14.58 13.01 -49.11
C SER C 221 15.55 11.93 -49.63
N SER C 222 16.43 11.43 -48.79
CA SER C 222 17.32 10.33 -49.10
C SER C 222 17.32 9.30 -47.98
N PRO C 223 17.76 8.06 -48.23
CA PRO C 223 17.83 7.08 -47.16
C PRO C 223 18.71 7.56 -46.02
N VAL C 224 18.31 7.20 -44.81
CA VAL C 224 19.04 7.51 -43.58
C VAL C 224 19.73 6.24 -43.10
N THR C 225 20.94 6.37 -42.56
CA THR C 225 21.67 5.21 -42.05
C THR C 225 22.21 5.51 -40.66
N LYS C 226 22.08 4.53 -39.76
CA LYS C 226 22.69 4.61 -38.45
C LYS C 226 23.60 3.40 -38.27
N SER C 227 24.76 3.61 -37.67
CA SER C 227 25.75 2.55 -37.65
C SER C 227 26.55 2.59 -36.36
N PHE C 228 27.29 1.51 -36.13
CA PHE C 228 28.25 1.45 -35.05
C PHE C 228 29.36 0.50 -35.52
N ASN C 229 30.52 0.62 -34.91
CA ASN C 229 31.60 -0.31 -35.19
C ASN C 229 31.71 -1.24 -34.00
N ARG C 230 31.63 -2.54 -34.25
CA ARG C 230 31.81 -3.49 -33.16
C ARG C 230 33.11 -3.22 -32.44
N GLY C 231 33.04 -2.94 -31.14
CA GLY C 231 34.25 -2.71 -30.37
C GLY C 231 34.47 -1.33 -29.79
N GLU C 232 34.17 -0.28 -30.54
CA GLU C 232 34.45 1.09 -30.11
C GLU C 232 33.25 1.69 -29.39
N CYS C 233 33.51 2.30 -28.23
CA CYS C 233 32.46 2.86 -27.35
C CYS C 233 31.60 3.95 -28.03
N GLU D 20 -0.48 25.17 -6.36
CA GLU D 20 -1.94 25.26 -6.34
C GLU D 20 -2.39 26.50 -5.58
N THR D 21 -3.65 26.87 -5.79
CA THR D 21 -4.26 27.88 -4.93
C THR D 21 -4.52 27.29 -3.55
N THR D 22 -4.27 28.09 -2.51
CA THR D 22 -4.41 27.68 -1.12
C THR D 22 -5.67 28.29 -0.52
N VAL D 23 -6.43 27.47 0.21
CA VAL D 23 -7.71 27.88 0.79
C VAL D 23 -7.71 27.59 2.28
N THR D 24 -7.94 28.62 3.10
CA THR D 24 -7.99 28.52 4.56
C THR D 24 -9.36 28.96 5.06
N GLN D 25 -9.96 28.17 5.95
CA GLN D 25 -11.28 28.46 6.49
C GLN D 25 -11.19 28.87 7.95
N SER D 26 -12.10 29.76 8.38
CA SER D 26 -12.11 30.14 9.78
C SER D 26 -13.56 30.30 10.24
N PRO D 27 -13.88 29.88 11.48
CA PRO D 27 -12.98 29.16 12.41
C PRO D 27 -12.89 27.66 12.08
N SER D 28 -12.00 26.91 12.74
CA SER D 28 -11.96 25.47 12.49
C SER D 28 -13.15 24.76 13.12
N SER D 29 -13.56 25.19 14.31
CA SER D 29 -14.71 24.60 14.96
C SER D 29 -15.46 25.66 15.76
N MET D 30 -16.73 25.41 15.98
CA MET D 30 -17.50 26.35 16.78
C MET D 30 -18.78 25.70 17.27
N TYR D 31 -19.29 26.24 18.36
CA TYR D 31 -20.60 25.91 18.88
C TYR D 31 -21.53 27.12 18.69
N ALA D 32 -22.79 26.83 18.45
CA ALA D 32 -23.80 27.86 18.32
C ALA D 32 -25.12 27.26 18.79
N SER D 33 -26.06 28.13 19.11
CA SER D 33 -27.38 27.73 19.55
C SER D 33 -28.33 27.76 18.36
N LEU D 34 -29.44 27.03 18.48
CA LEU D 34 -30.43 27.04 17.42
C LEU D 34 -31.03 28.43 17.31
N GLY D 35 -31.22 28.90 16.08
CA GLY D 35 -31.76 30.21 15.82
C GLY D 35 -30.73 31.31 15.62
N GLU D 36 -29.47 31.07 15.98
CA GLU D 36 -28.45 32.10 15.88
C GLU D 36 -27.97 32.23 14.44
N ARG D 37 -27.34 33.37 14.17
CA ARG D 37 -26.70 33.64 12.90
C ARG D 37 -25.28 33.10 12.99
N VAL D 38 -24.88 32.30 12.00
CA VAL D 38 -23.53 31.75 11.96
C VAL D 38 -22.89 32.19 10.65
N THR D 39 -21.63 32.62 10.73
CA THR D 39 -20.87 33.00 9.54
C THR D 39 -19.52 32.32 9.56
N ILE D 40 -19.20 31.60 8.49
CA ILE D 40 -17.91 30.96 8.28
C ILE D 40 -17.23 31.67 7.12
N THR D 41 -15.93 31.84 7.21
CA THR D 41 -15.20 32.54 6.17
C THR D 41 -14.23 31.59 5.45
N CYS D 42 -13.88 31.98 4.23
CA CYS D 42 -13.04 31.19 3.35
C CYS D 42 -12.17 32.14 2.56
N LYS D 43 -10.84 32.04 2.73
CA LYS D 43 -9.88 32.96 2.13
C LYS D 43 -8.98 32.19 1.18
N ALA D 44 -8.91 32.64 -0.06
CA ALA D 44 -8.07 32.00 -1.06
C ALA D 44 -6.79 32.80 -1.24
N SER D 45 -5.69 32.09 -1.51
CA SER D 45 -4.39 32.72 -1.70
C SER D 45 -4.32 33.64 -2.92
N GLN D 46 -5.34 33.64 -3.77
CA GLN D 46 -5.37 34.50 -4.93
C GLN D 46 -6.81 34.66 -5.38
N ASP D 47 -7.05 35.65 -6.22
CA ASP D 47 -8.38 35.85 -6.77
C ASP D 47 -8.89 34.59 -7.47
N ILE D 48 -10.09 34.16 -7.11
CA ILE D 48 -10.69 32.98 -7.71
C ILE D 48 -12.01 33.29 -8.42
N ASN D 49 -12.32 34.58 -8.63
CA ASN D 49 -13.39 35.00 -9.54
C ASN D 49 -14.76 34.41 -9.18
N SER D 50 -15.05 34.31 -7.89
CA SER D 50 -16.32 33.77 -7.39
C SER D 50 -16.56 32.31 -7.78
N TYR D 51 -15.55 31.61 -8.31
CA TYR D 51 -15.67 30.16 -8.52
C TYR D 51 -15.37 29.53 -7.17
N LEU D 52 -16.36 29.62 -6.30
CA LEU D 52 -16.23 29.17 -4.92
C LEU D 52 -17.51 28.43 -4.58
N SER D 53 -17.35 27.24 -4.04
CA SER D 53 -18.47 26.38 -3.72
C SER D 53 -18.38 25.94 -2.26
N TRP D 54 -19.53 25.76 -1.64
CA TRP D 54 -19.61 25.39 -0.25
C TRP D 54 -20.32 24.05 -0.13
N PHE D 55 -19.76 23.18 0.69
CA PHE D 55 -20.29 21.84 0.89
C PHE D 55 -20.48 21.60 2.37
N GLN D 56 -21.55 20.90 2.71
CA GLN D 56 -21.79 20.43 4.06
C GLN D 56 -21.58 18.93 4.10
N GLN D 57 -20.80 18.45 5.06
CA GLN D 57 -20.55 17.02 5.22
C GLN D 57 -21.00 16.56 6.61
N LYS D 58 -21.98 15.63 6.65
CA LYS D 58 -22.40 15.02 7.91
C LYS D 58 -21.64 13.72 8.16
N PRO D 59 -21.48 13.29 9.41
CA PRO D 59 -20.55 12.19 9.71
C PRO D 59 -20.90 10.90 8.99
N GLY D 60 -19.89 10.29 8.38
CA GLY D 60 -20.09 9.06 7.64
C GLY D 60 -20.91 9.16 6.37
N LYS D 61 -21.07 10.37 5.81
CA LYS D 61 -21.84 10.59 4.59
C LYS D 61 -21.01 11.39 3.61
N SER D 62 -21.51 11.50 2.43
CA SER D 62 -20.73 12.24 1.43
C SER D 62 -21.04 13.73 1.49
N PRO D 63 -20.12 14.58 1.05
CA PRO D 63 -20.37 16.02 1.06
C PRO D 63 -21.64 16.34 0.28
N LYS D 64 -22.31 17.40 0.68
CA LYS D 64 -23.56 17.76 0.04
C LYS D 64 -23.40 19.17 -0.52
N THR D 65 -23.77 19.35 -1.78
CA THR D 65 -23.55 20.64 -2.44
C THR D 65 -24.61 21.64 -2.00
N LEU D 66 -24.15 22.81 -1.57
CA LEU D 66 -25.02 23.83 -0.99
C LEU D 66 -25.07 25.10 -1.82
N ILE D 67 -23.91 25.62 -2.19
CA ILE D 67 -23.81 26.88 -2.90
C ILE D 67 -22.73 26.71 -3.96
N TYR D 68 -22.94 27.31 -5.13
CA TYR D 68 -21.90 27.41 -6.15
C TYR D 68 -21.83 28.85 -6.64
N ARG D 69 -20.72 29.14 -7.34
CA ARG D 69 -20.42 30.48 -7.81
C ARG D 69 -20.54 31.51 -6.69
N ALA D 70 -19.90 31.21 -5.56
CA ALA D 70 -19.81 32.07 -4.39
C ALA D 70 -21.15 32.28 -3.70
N SER D 71 -22.22 32.36 -4.48
CA SER D 71 -23.48 32.77 -3.87
C SER D 71 -24.72 32.09 -4.44
N ARG D 72 -24.63 31.08 -5.29
CA ARG D 72 -25.86 30.57 -5.87
C ARG D 72 -26.30 29.26 -5.20
N LEU D 73 -27.55 29.21 -4.80
CA LEU D 73 -28.12 28.08 -4.08
C LEU D 73 -28.43 26.92 -5.01
N VAL D 74 -28.17 25.72 -4.53
CA VAL D 74 -28.58 24.51 -5.23
C VAL D 74 -30.06 24.31 -4.94
N ASP D 75 -30.82 23.89 -5.95
CA ASP D 75 -32.25 23.64 -5.77
C ASP D 75 -32.48 22.71 -4.60
N GLY D 76 -33.39 23.09 -3.71
CA GLY D 76 -33.70 22.30 -2.54
C GLY D 76 -32.93 22.67 -1.29
N VAL D 77 -31.82 23.38 -1.42
CA VAL D 77 -31.06 23.79 -0.24
C VAL D 77 -31.85 24.87 0.48
N PRO D 78 -32.05 24.76 1.80
CA PRO D 78 -32.89 25.76 2.50
C PRO D 78 -32.42 27.18 2.26
N SER D 79 -33.37 28.12 2.25
CA SER D 79 -33.06 29.50 1.90
C SER D 79 -32.29 30.22 3.01
N ARG D 80 -32.27 29.67 4.22
CA ARG D 80 -31.51 30.27 5.30
C ARG D 80 -30.01 30.29 5.02
N PHE D 81 -29.54 29.42 4.11
CA PHE D 81 -28.15 29.41 3.68
C PHE D 81 -27.93 30.52 2.67
N SER D 82 -26.87 31.29 2.88
CA SER D 82 -26.54 32.45 2.06
C SER D 82 -25.04 32.43 1.85
N GLY D 83 -24.59 32.71 0.63
CA GLY D 83 -23.17 32.82 0.34
C GLY D 83 -22.82 34.19 -0.22
N SER D 84 -21.59 34.61 0.06
CA SER D 84 -21.19 35.96 -0.32
C SER D 84 -19.68 36.03 -0.47
N GLY D 85 -19.23 37.07 -1.16
CA GLY D 85 -17.82 37.36 -1.29
C GLY D 85 -17.43 37.64 -2.72
N SER D 86 -16.16 37.98 -2.90
CA SER D 86 -15.56 38.17 -4.22
C SER D 86 -14.05 38.31 -4.02
N GLY D 87 -13.32 38.20 -5.12
CA GLY D 87 -11.87 38.27 -5.07
C GLY D 87 -11.28 37.06 -4.39
N GLN D 88 -10.70 37.25 -3.20
CA GLN D 88 -10.14 36.15 -2.41
C GLN D 88 -11.02 35.75 -1.24
N ASP D 89 -12.03 36.56 -0.90
CA ASP D 89 -12.71 36.43 0.38
C ASP D 89 -14.18 36.14 0.24
N TYR D 90 -14.60 35.02 0.82
CA TYR D 90 -15.97 34.55 0.70
C TYR D 90 -16.47 34.13 2.07
N SER D 91 -17.79 34.01 2.14
CA SER D 91 -18.48 33.73 3.39
C SER D 91 -19.74 32.91 3.12
N LEU D 92 -20.02 32.04 4.07
CA LEU D 92 -21.29 31.33 4.10
C LEU D 92 -22.01 31.79 5.36
N THR D 93 -23.33 31.93 5.26
CA THR D 93 -24.10 32.41 6.39
C THR D 93 -25.37 31.60 6.54
N ILE D 94 -25.61 31.15 7.75
CA ILE D 94 -26.87 30.55 8.13
C ILE D 94 -27.58 31.57 8.99
N SER D 95 -28.72 32.06 8.51
CA SER D 95 -29.39 33.15 9.23
C SER D 95 -29.92 32.67 10.57
N SER D 96 -30.57 31.51 10.59
CA SER D 96 -31.18 30.98 11.81
C SER D 96 -30.90 29.48 11.86
N LEU D 97 -29.95 29.12 12.72
CA LEU D 97 -29.44 27.76 12.79
C LEU D 97 -30.52 26.76 13.17
N GLU D 98 -30.46 25.57 12.58
CA GLU D 98 -31.33 24.44 12.92
C GLU D 98 -30.49 23.23 13.23
N TYR D 99 -31.12 22.25 13.89
CA TYR D 99 -30.42 21.02 14.26
C TYR D 99 -29.76 20.36 13.06
N GLU D 100 -30.40 20.42 11.89
CA GLU D 100 -29.88 19.73 10.71
C GLU D 100 -28.65 20.40 10.12
N ASP D 101 -28.29 21.61 10.57
CA ASP D 101 -27.10 22.25 10.03
C ASP D 101 -25.82 21.75 10.69
N MET D 102 -25.92 20.84 11.66
CA MET D 102 -24.74 20.31 12.33
C MET D 102 -23.89 19.59 11.31
N GLY D 103 -22.57 19.77 11.40
CA GLY D 103 -21.65 19.07 10.51
C GLY D 103 -20.38 19.86 10.30
N ILE D 104 -19.64 19.45 9.26
CA ILE D 104 -18.40 20.10 8.85
C ILE D 104 -18.63 20.75 7.50
N TYR D 105 -18.24 22.02 7.37
CA TYR D 105 -18.49 22.82 6.18
C TYR D 105 -17.17 23.04 5.45
N TYR D 106 -17.15 22.74 4.16
CA TYR D 106 -15.98 22.92 3.32
C TYR D 106 -16.28 23.94 2.22
N CYS D 107 -15.31 24.80 1.93
CA CYS D 107 -15.36 25.62 0.72
C CYS D 107 -14.38 25.06 -0.29
N LEU D 108 -14.70 25.22 -1.56
CA LEU D 108 -13.92 24.66 -2.66
C LEU D 108 -13.69 25.73 -3.71
N GLN D 109 -12.42 26.01 -3.97
CA GLN D 109 -12.00 26.86 -5.07
C GLN D 109 -11.92 26.02 -6.35
N TYR D 110 -12.66 26.40 -7.39
CA TYR D 110 -12.58 25.67 -8.66
C TYR D 110 -12.30 26.61 -9.82
N ASP D 111 -11.41 27.57 -9.58
CA ASP D 111 -10.98 28.54 -10.59
C ASP D 111 -9.92 27.91 -11.49
N GLU D 112 -8.79 27.50 -10.90
CA GLU D 112 -7.70 26.85 -11.61
C GLU D 112 -7.40 25.49 -10.99
N PHE D 113 -7.19 24.49 -11.84
CA PHE D 113 -6.80 23.18 -11.37
C PHE D 113 -5.38 23.22 -10.83
N PRO D 114 -5.06 22.46 -9.78
CA PRO D 114 -5.94 21.55 -8.99
C PRO D 114 -6.94 22.29 -8.10
N TYR D 115 -8.19 21.85 -8.17
CA TYR D 115 -9.24 22.45 -7.36
C TYR D 115 -9.03 22.04 -5.91
N THR D 116 -8.85 23.03 -5.04
CA THR D 116 -8.48 22.84 -3.66
C THR D 116 -9.60 23.21 -2.69
N PHE D 117 -9.66 22.49 -1.56
CA PHE D 117 -10.61 22.78 -0.50
C PHE D 117 -9.88 23.40 0.69
N GLY D 118 -10.65 24.11 1.50
CA GLY D 118 -10.15 24.53 2.79
C GLY D 118 -10.24 23.43 3.81
N GLY D 119 -9.58 23.65 4.94
CA GLY D 119 -9.49 22.69 6.03
C GLY D 119 -10.82 22.35 6.71
N GLY D 120 -11.92 23.04 6.39
CA GLY D 120 -13.19 22.65 6.97
C GLY D 120 -13.50 23.38 8.25
N THR D 121 -14.77 23.70 8.49
CA THR D 121 -15.22 24.31 9.74
C THR D 121 -16.25 23.38 10.37
N LYS D 122 -15.97 22.88 11.57
CA LYS D 122 -16.88 21.99 12.27
C LYS D 122 -17.87 22.81 13.09
N LEU D 123 -19.16 22.62 12.82
CA LEU D 123 -20.20 23.39 13.51
C LEU D 123 -20.99 22.47 14.41
N GLU D 124 -21.02 22.78 15.69
CA GLU D 124 -21.74 21.95 16.64
C GLU D 124 -22.75 22.78 17.41
N ILE D 125 -23.70 22.10 18.03
CA ILE D 125 -24.84 22.73 18.67
C ILE D 125 -24.56 22.90 20.15
N LYS D 126 -24.79 24.11 20.66
CA LYS D 126 -24.66 24.42 22.07
C LYS D 126 -25.82 23.83 22.87
N ARG D 127 -25.52 23.41 24.10
CA ARG D 127 -26.56 23.03 25.06
C ARG D 127 -25.98 23.12 26.47
N THR D 128 -26.83 22.83 27.48
CA THR D 128 -26.43 22.96 28.87
C THR D 128 -25.55 21.80 29.29
N VAL D 129 -24.71 22.05 30.30
CA VAL D 129 -23.93 21.00 30.92
C VAL D 129 -24.85 19.84 31.29
N ALA D 130 -24.32 18.63 31.13
CA ALA D 130 -25.01 17.40 31.47
C ALA D 130 -23.99 16.40 31.97
N ALA D 131 -24.26 15.79 33.08
CA ALA D 131 -23.39 14.85 33.71
C ALA D 131 -23.57 13.47 33.10
N PRO D 132 -22.53 12.66 33.03
CA PRO D 132 -22.69 11.32 32.45
C PRO D 132 -23.36 10.37 33.44
N SER D 133 -24.24 9.51 32.92
CA SER D 133 -24.59 8.27 33.61
C SER D 133 -23.51 7.25 33.32
N VAL D 134 -22.97 6.63 34.37
CA VAL D 134 -21.84 5.73 34.21
C VAL D 134 -22.29 4.27 34.40
N PHE D 135 -21.76 3.40 33.54
CA PHE D 135 -21.99 1.97 33.62
C PHE D 135 -20.68 1.22 33.39
N ILE D 136 -20.52 0.12 34.12
CA ILE D 136 -19.36 -0.75 34.02
C ILE D 136 -19.85 -2.13 33.62
N PHE D 137 -19.11 -2.78 32.73
CA PHE D 137 -19.47 -4.09 32.20
C PHE D 137 -18.32 -5.03 32.44
N PRO D 138 -18.51 -6.14 33.14
CA PRO D 138 -17.44 -7.13 33.29
C PRO D 138 -17.15 -7.79 31.96
N PRO D 139 -16.03 -8.48 31.85
CA PRO D 139 -15.72 -9.19 30.60
C PRO D 139 -16.71 -10.31 30.38
N SER D 140 -17.08 -10.53 29.13
CA SER D 140 -17.97 -11.64 28.81
C SER D 140 -17.30 -12.98 29.11
N ASP D 141 -18.14 -13.97 29.46
CA ASP D 141 -17.67 -15.35 29.63
C ASP D 141 -17.04 -15.89 28.35
N GLU D 142 -17.67 -15.64 27.21
CA GLU D 142 -17.09 -16.01 25.93
C GLU D 142 -15.66 -15.51 25.79
N GLN D 143 -15.44 -14.22 26.03
CA GLN D 143 -14.10 -13.66 25.85
C GLN D 143 -13.10 -14.30 26.80
N LEU D 144 -13.51 -14.54 28.04
CA LEU D 144 -12.61 -15.14 29.03
C LEU D 144 -12.20 -16.54 28.62
N LYS D 145 -13.09 -17.25 27.94
CA LYS D 145 -12.74 -18.53 27.33
C LYS D 145 -11.50 -18.40 26.45
N SER D 146 -11.25 -17.22 25.88
CA SER D 146 -10.16 -17.04 24.93
C SER D 146 -8.89 -16.47 25.53
N GLY D 147 -8.86 -16.16 26.83
CA GLY D 147 -7.62 -15.69 27.43
C GLY D 147 -7.44 -14.19 27.52
N THR D 148 -8.37 -13.39 27.06
CA THR D 148 -8.31 -11.95 27.23
C THR D 148 -9.55 -11.50 27.97
N ALA D 149 -9.40 -10.44 28.76
CA ALA D 149 -10.47 -9.88 29.58
C ALA D 149 -10.55 -8.41 29.25
N SER D 150 -11.66 -7.98 28.68
CA SER D 150 -11.90 -6.58 28.41
C SER D 150 -13.00 -6.13 29.34
N VAL D 151 -12.71 -5.11 30.14
CA VAL D 151 -13.68 -4.44 31.01
C VAL D 151 -14.05 -3.11 30.35
N VAL D 152 -15.34 -2.78 30.33
CA VAL D 152 -15.79 -1.61 29.59
C VAL D 152 -16.49 -0.66 30.54
N CYS D 153 -16.16 0.62 30.42
CA CYS D 153 -16.80 1.67 31.17
C CYS D 153 -17.46 2.63 30.19
N LEU D 154 -18.74 2.92 30.41
CA LEU D 154 -19.53 3.74 29.50
C LEU D 154 -19.97 5.01 30.23
N LEU D 155 -19.67 6.15 29.63
CA LEU D 155 -20.11 7.47 30.08
C LEU D 155 -21.14 7.92 29.07
N ASN D 156 -22.38 8.02 29.51
CA ASN D 156 -23.51 8.17 28.60
C ASN D 156 -24.09 9.58 28.70
N ASN D 157 -24.29 10.20 27.54
CA ASN D 157 -25.14 11.40 27.40
C ASN D 157 -24.63 12.56 28.27
N PHE D 158 -23.45 13.08 27.90
CA PHE D 158 -22.86 14.15 28.69
C PHE D 158 -22.52 15.32 27.81
N TYR D 159 -22.30 16.46 28.46
CA TYR D 159 -21.94 17.70 27.81
C TYR D 159 -21.27 18.61 28.84
N PRO D 160 -20.12 19.24 28.53
CA PRO D 160 -19.38 19.26 27.26
C PRO D 160 -18.51 18.02 27.04
N ARG D 161 -17.78 17.98 25.93
CA ARG D 161 -17.09 16.75 25.53
C ARG D 161 -16.01 16.31 26.51
N GLU D 162 -15.36 17.26 27.16
CA GLU D 162 -14.21 16.90 27.98
C GLU D 162 -14.65 16.01 29.13
N ALA D 163 -13.98 14.86 29.26
CA ALA D 163 -14.29 13.92 30.32
C ALA D 163 -13.04 13.11 30.59
N LYS D 164 -12.83 12.79 31.85
CA LYS D 164 -11.70 12.00 32.28
C LYS D 164 -12.21 10.71 32.89
N VAL D 165 -11.63 9.59 32.45
CA VAL D 165 -11.90 8.28 32.99
C VAL D 165 -10.61 7.75 33.59
N GLN D 166 -10.68 7.24 34.83
CA GLN D 166 -9.51 6.55 35.40
C GLN D 166 -9.90 5.17 35.86
N TRP D 167 -9.06 4.19 35.52
CA TRP D 167 -9.29 2.80 35.88
C TRP D 167 -8.44 2.48 37.09
N LYS D 168 -9.07 1.85 38.07
CA LYS D 168 -8.38 1.35 39.24
C LYS D 168 -8.71 -0.12 39.42
N VAL D 169 -7.67 -0.94 39.52
CA VAL D 169 -7.78 -2.34 39.84
C VAL D 169 -7.24 -2.50 41.26
N ASP D 170 -8.11 -2.90 42.19
CA ASP D 170 -7.79 -2.89 43.61
C ASP D 170 -7.17 -1.56 44.02
N ASN D 171 -7.82 -0.48 43.62
CA ASN D 171 -7.44 0.89 43.94
C ASN D 171 -6.07 1.28 43.39
N ALA D 172 -5.55 0.54 42.41
CA ALA D 172 -4.26 0.86 41.79
C ALA D 172 -4.51 1.44 40.40
N LEU D 173 -4.03 2.66 40.16
CA LEU D 173 -4.27 3.31 38.88
C LEU D 173 -3.70 2.48 37.73
N GLN D 174 -4.35 2.58 36.56
CA GLN D 174 -3.94 1.86 35.37
C GLN D 174 -3.52 2.84 34.28
N SER D 175 -2.56 2.41 33.47
CA SER D 175 -2.10 3.26 32.37
C SER D 175 -1.66 2.37 31.22
N GLY D 176 -2.01 2.80 30.01
CA GLY D 176 -1.53 2.12 28.84
C GLY D 176 -2.26 0.84 28.47
N ASN D 177 -3.30 0.46 29.21
CA ASN D 177 -4.03 -0.74 28.87
C ASN D 177 -5.50 -0.43 28.60
N SER D 178 -5.77 0.81 28.17
CA SER D 178 -7.13 1.24 27.92
C SER D 178 -7.20 2.14 26.68
N GLN D 179 -8.28 2.00 25.91
CA GLN D 179 -8.57 2.91 24.80
C GLN D 179 -9.96 3.50 25.02
N GLU D 180 -10.10 4.79 24.73
CA GLU D 180 -11.34 5.54 24.79
C GLU D 180 -11.84 5.86 23.39
N SER D 181 -13.14 6.10 23.29
CA SER D 181 -13.75 6.55 22.06
C SER D 181 -14.96 7.41 22.40
N VAL D 182 -15.23 8.42 21.58
CA VAL D 182 -16.27 9.40 21.86
C VAL D 182 -17.11 9.62 20.62
N THR D 183 -18.42 9.57 20.78
CA THR D 183 -19.30 9.81 19.65
C THR D 183 -19.34 11.30 19.29
N GLU D 184 -19.85 11.55 18.09
CA GLU D 184 -20.29 12.87 17.72
C GLU D 184 -21.59 13.19 18.43
N GLN D 185 -21.98 14.47 18.38
CA GLN D 185 -23.14 14.91 19.13
C GLN D 185 -24.37 14.08 18.78
N ASP D 186 -25.05 13.58 19.81
CA ASP D 186 -26.29 12.86 19.58
C ASP D 186 -27.32 13.79 18.97
N SER D 187 -28.06 13.27 17.99
CA SER D 187 -28.94 14.13 17.22
C SER D 187 -30.24 14.48 17.94
N LYS D 188 -30.61 13.79 19.03
CA LYS D 188 -31.82 14.16 19.76
C LYS D 188 -31.53 15.15 20.89
N ASP D 189 -30.50 14.91 21.72
CA ASP D 189 -30.22 15.76 22.87
C ASP D 189 -28.86 16.48 22.83
N SER D 190 -28.15 16.45 21.70
CA SER D 190 -26.83 17.12 21.54
C SER D 190 -25.81 16.75 22.62
N THR D 191 -25.92 15.58 23.27
CA THR D 191 -24.89 15.14 24.20
C THR D 191 -23.86 14.28 23.49
N TYR D 192 -22.81 13.90 24.22
CA TYR D 192 -21.80 12.96 23.77
C TYR D 192 -21.82 11.73 24.68
N SER D 193 -21.27 10.64 24.17
CA SER D 193 -21.00 9.49 25.01
C SER D 193 -19.58 8.99 24.78
N LEU D 194 -19.01 8.40 25.82
CA LEU D 194 -17.66 7.91 25.78
C LEU D 194 -17.68 6.47 26.27
N SER D 195 -16.85 5.65 25.64
CA SER D 195 -16.64 4.28 26.07
C SER D 195 -15.15 4.02 26.16
N SER D 196 -14.72 3.49 27.28
CA SER D 196 -13.33 3.15 27.55
C SER D 196 -13.23 1.69 27.90
N THR D 197 -12.23 1.02 27.31
CA THR D 197 -12.02 -0.41 27.43
C THR D 197 -10.66 -0.69 28.06
N LEU D 198 -10.67 -1.28 29.24
CA LEU D 198 -9.44 -1.75 29.88
C LEU D 198 -9.26 -3.23 29.52
N THR D 199 -8.13 -3.58 28.89
CA THR D 199 -7.91 -4.95 28.46
C THR D 199 -6.74 -5.59 29.20
N LEU D 200 -6.96 -6.80 29.71
CA LEU D 200 -5.97 -7.59 30.42
C LEU D 200 -6.05 -9.03 29.97
N SER D 201 -4.95 -9.74 30.16
CA SER D 201 -4.92 -11.18 30.03
C SER D 201 -5.87 -11.81 31.04
N LYS D 202 -6.34 -13.02 30.74
CA LYS D 202 -7.18 -13.72 31.70
C LYS D 202 -6.44 -13.93 33.01
N ALA D 203 -5.13 -14.19 32.94
CA ALA D 203 -4.34 -14.46 34.14
C ALA D 203 -4.28 -13.25 35.05
N ASP D 204 -3.90 -12.08 34.50
CA ASP D 204 -3.83 -10.85 35.30
C ASP D 204 -5.20 -10.46 35.83
N TYR D 205 -6.22 -10.57 34.98
CA TYR D 205 -7.57 -10.25 35.41
C TYR D 205 -7.95 -11.07 36.64
N GLU D 206 -7.61 -12.35 36.65
CA GLU D 206 -7.96 -13.20 37.78
C GLU D 206 -7.07 -12.98 38.98
N LYS D 207 -5.99 -12.21 38.86
CA LYS D 207 -5.19 -11.86 40.02
C LYS D 207 -5.81 -10.74 40.87
N HIS D 208 -7.02 -10.26 40.55
CA HIS D 208 -7.58 -9.15 41.30
C HIS D 208 -9.09 -9.27 41.42
N LYS D 209 -9.64 -8.51 42.37
CA LYS D 209 -11.05 -8.55 42.73
C LYS D 209 -11.82 -7.31 42.28
N VAL D 210 -11.31 -6.12 42.60
CA VAL D 210 -12.08 -4.88 42.50
C VAL D 210 -11.66 -4.14 41.24
N TYR D 211 -12.58 -4.06 40.28
CA TYR D 211 -12.37 -3.31 39.05
C TYR D 211 -13.30 -2.13 39.10
N ALA D 212 -12.73 -0.93 39.08
CA ALA D 212 -13.46 0.31 39.29
C ALA D 212 -13.13 1.29 38.18
N CYS D 213 -14.14 2.03 37.78
CA CYS D 213 -14.04 3.05 36.76
C CYS D 213 -14.39 4.38 37.41
N GLU D 214 -13.44 5.34 37.41
CA GLU D 214 -13.64 6.64 38.07
C GLU D 214 -13.70 7.75 37.03
N VAL D 215 -14.77 8.55 37.09
CA VAL D 215 -15.10 9.50 36.03
C VAL D 215 -15.16 10.92 36.58
N THR D 216 -14.42 11.83 35.93
CA THR D 216 -14.44 13.28 36.20
C THR D 216 -15.06 14.06 35.04
N HIS D 217 -15.92 15.02 35.38
CA HIS D 217 -16.61 15.81 34.37
C HIS D 217 -17.17 17.07 35.02
N GLN D 218 -17.38 18.10 34.20
CA GLN D 218 -17.82 19.40 34.73
C GLN D 218 -19.23 19.35 35.31
N GLY D 219 -20.06 18.41 34.87
CA GLY D 219 -21.39 18.27 35.44
C GLY D 219 -21.45 17.47 36.74
N LEU D 220 -20.32 16.98 37.22
CA LEU D 220 -20.29 16.25 38.48
C LEU D 220 -19.52 17.09 39.48
N SER D 221 -20.16 17.40 40.61
CA SER D 221 -19.48 18.14 41.66
C SER D 221 -18.25 17.39 42.16
N SER D 222 -18.39 16.09 42.32
CA SER D 222 -17.32 15.22 42.76
C SER D 222 -17.24 14.01 41.82
N PRO D 223 -16.08 13.35 41.74
CA PRO D 223 -15.95 12.21 40.83
C PRO D 223 -16.91 11.08 41.18
N VAL D 224 -17.39 10.41 40.15
CA VAL D 224 -18.27 9.25 40.29
C VAL D 224 -17.45 8.01 39.99
N THR D 225 -17.72 6.93 40.73
CA THR D 225 -17.03 5.65 40.52
C THR D 225 -18.05 4.52 40.44
N LYS D 226 -17.86 3.64 39.46
CA LYS D 226 -18.61 2.40 39.34
C LYS D 226 -17.62 1.24 39.42
N SER D 227 -18.01 0.17 40.08
CA SER D 227 -17.06 -0.90 40.35
C SER D 227 -17.79 -2.22 40.39
N PHE D 228 -17.02 -3.30 40.32
CA PHE D 228 -17.58 -4.61 40.58
C PHE D 228 -16.51 -5.49 41.21
N ASN D 229 -16.96 -6.58 41.83
CA ASN D 229 -16.07 -7.61 42.31
C ASN D 229 -16.17 -8.81 41.38
N ARG D 230 -15.05 -9.28 40.89
CA ARG D 230 -15.02 -10.42 39.98
C ARG D 230 -15.84 -11.64 40.43
N GLN E 20 28.15 26.53 25.95
CA GLN E 20 27.16 25.71 26.66
C GLN E 20 27.79 24.82 27.72
N VAL E 21 27.00 24.43 28.73
CA VAL E 21 27.48 23.51 29.75
C VAL E 21 27.83 22.19 29.06
N GLN E 22 29.05 21.72 29.27
CA GLN E 22 29.49 20.46 28.71
C GLN E 22 30.26 19.71 29.79
N LEU E 23 30.00 18.41 29.89
CA LEU E 23 30.82 17.51 30.67
C LEU E 23 31.46 16.53 29.69
N LYS E 24 32.77 16.69 29.45
CA LYS E 24 33.51 15.85 28.51
C LYS E 24 34.19 14.73 29.30
N GLN E 25 33.71 13.50 29.11
CA GLN E 25 34.14 12.34 29.89
C GLN E 25 35.28 11.62 29.18
N SER E 26 36.12 10.97 29.98
CA SER E 26 37.26 10.23 29.46
C SER E 26 37.50 9.04 30.37
N GLY E 27 38.22 8.06 29.84
CA GLY E 27 38.50 6.86 30.61
C GLY E 27 37.48 5.75 30.39
N GLY E 28 37.55 4.77 31.24
CA GLY E 28 36.70 3.60 31.09
C GLY E 28 37.36 2.54 30.25
N GLY E 29 36.52 1.65 29.74
CA GLY E 29 36.96 0.54 28.93
C GLY E 29 36.88 -0.78 29.65
N LEU E 30 37.68 -1.73 29.16
CA LEU E 30 37.67 -3.10 29.62
C LEU E 30 38.71 -3.32 30.71
N VAL E 31 38.30 -4.07 31.74
CA VAL E 31 39.18 -4.33 32.86
C VAL E 31 38.74 -5.64 33.50
N GLN E 32 39.64 -6.34 33.93
CA GLN E 32 39.38 -7.68 34.44
C GLN E 32 39.04 -7.65 35.93
N PRO E 33 38.32 -8.65 36.46
CA PRO E 33 37.89 -8.57 37.87
C PRO E 33 39.04 -8.43 38.88
N LYS E 34 38.73 -7.73 39.98
CA LYS E 34 39.67 -7.35 41.05
C LYS E 34 40.62 -6.27 40.57
N GLY E 35 40.56 -5.86 39.31
CA GLY E 35 41.34 -4.75 38.81
C GLY E 35 40.77 -3.42 39.25
N SER E 36 41.36 -2.35 38.72
CA SER E 36 40.90 -1.03 39.14
C SER E 36 41.02 -0.05 37.99
N LEU E 37 40.19 1.00 38.06
CA LEU E 37 40.05 1.99 36.99
C LEU E 37 39.55 3.29 37.63
N LYS E 38 39.95 4.42 37.04
CA LYS E 38 39.52 5.74 37.50
C LYS E 38 38.98 6.54 36.32
N LEU E 39 37.74 7.03 36.46
CA LEU E 39 37.01 7.77 35.42
C LEU E 39 37.15 9.28 35.60
N SER E 40 37.21 10.02 34.48
CA SER E 40 37.33 11.48 34.54
C SER E 40 36.29 12.16 33.63
N CYS E 41 35.88 13.36 34.06
CA CYS E 41 34.85 14.20 33.42
C CYS E 41 35.22 15.67 33.56
N ALA E 42 35.23 16.39 32.44
CA ALA E 42 35.74 17.77 32.35
C ALA E 42 34.60 18.78 32.25
N ALA E 43 34.50 19.69 33.22
CA ALA E 43 33.44 20.68 33.27
C ALA E 43 33.76 21.83 32.33
N SER E 44 32.71 22.44 31.77
CA SER E 44 32.88 23.52 30.80
C SER E 44 31.64 24.39 30.78
N GLY E 45 31.81 25.67 31.12
CA GLY E 45 30.73 26.63 31.02
C GLY E 45 29.83 26.77 32.23
N PHE E 46 30.28 26.38 33.43
CA PHE E 46 29.50 26.61 34.64
C PHE E 46 30.40 26.46 35.87
N THR E 47 29.92 26.97 37.00
CA THR E 47 30.72 27.04 38.22
C THR E 47 30.62 25.73 39.01
N TYR E 51 28.52 23.84 43.03
CA TYR E 51 27.50 22.80 42.83
C TYR E 51 28.05 21.40 43.17
N ALA E 52 27.22 20.54 43.77
CA ALA E 52 27.58 19.14 44.04
C ALA E 52 27.71 18.34 42.74
N MET E 53 28.43 17.22 42.83
CA MET E 53 28.60 16.34 41.68
C MET E 53 28.31 14.88 42.03
N HIS E 54 28.02 14.10 40.98
CA HIS E 54 27.46 12.77 41.11
C HIS E 54 28.01 11.81 40.06
N TRP E 55 27.94 10.50 40.34
CA TRP E 55 28.12 9.44 39.35
C TRP E 55 26.91 8.51 39.36
N VAL E 56 26.39 8.17 38.17
CA VAL E 56 25.22 7.29 38.05
C VAL E 56 25.50 6.15 37.07
N ARG E 57 24.99 4.95 37.39
CA ARG E 57 25.24 3.69 36.68
C ARG E 57 24.04 3.26 35.86
N GLN E 58 24.31 2.62 34.72
CA GLN E 58 23.25 1.96 33.95
C GLN E 58 23.82 0.68 33.35
N ALA E 59 23.58 -0.45 34.01
CA ALA E 59 24.01 -1.72 33.48
C ALA E 59 23.31 -1.94 32.14
N PRO E 60 23.94 -2.65 31.20
CA PRO E 60 23.39 -2.73 29.83
C PRO E 60 21.94 -3.18 29.81
N GLY E 61 21.10 -2.38 29.12
CA GLY E 61 19.69 -2.71 29.02
C GLY E 61 18.89 -2.55 30.29
N LYS E 62 19.49 -2.07 31.39
CA LYS E 62 18.75 -1.97 32.64
C LYS E 62 18.62 -0.52 33.14
N GLY E 63 18.28 -0.36 34.42
CA GLY E 63 17.90 0.93 34.93
C GLY E 63 19.07 1.72 35.50
N LEU E 64 18.75 2.94 35.90
CA LEU E 64 19.71 3.84 36.51
C LEU E 64 19.79 3.58 38.01
N GLU E 65 20.99 3.79 38.55
CA GLU E 65 21.31 3.52 39.94
C GLU E 65 22.38 4.52 40.39
N TRP E 66 22.21 5.10 41.58
CA TRP E 66 23.18 6.06 42.08
C TRP E 66 24.45 5.37 42.56
N VAL E 67 25.60 6.02 42.29
CA VAL E 67 26.92 5.52 42.72
C VAL E 67 27.52 6.39 43.82
N ALA E 68 27.71 7.68 43.54
CA ALA E 68 28.44 8.58 44.41
C ALA E 68 28.03 10.03 44.19
N TYR E 81 28.01 7.09 49.29
CA TYR E 81 28.11 5.99 48.32
C TYR E 81 27.03 4.90 48.51
N ALA E 82 26.68 4.25 47.40
CA ALA E 82 25.75 3.13 47.37
C ALA E 82 26.26 1.95 48.21
N ASP E 83 25.39 0.98 48.48
CA ASP E 83 25.82 -0.05 49.41
C ASP E 83 26.90 -0.92 48.75
N SER E 84 26.87 -1.01 47.42
CA SER E 84 27.73 -1.83 46.57
C SER E 84 29.13 -1.28 46.29
N VAL E 85 29.40 -0.03 46.56
CA VAL E 85 30.57 0.60 46.00
C VAL E 85 31.32 1.16 47.20
N LYS E 86 30.89 0.70 48.37
CA LYS E 86 31.27 1.14 49.71
C LYS E 86 32.77 1.10 49.96
N ASP E 87 33.31 -0.11 50.05
CA ASP E 87 34.70 -0.36 50.40
C ASP E 87 35.58 -0.49 49.18
N ARG E 88 35.10 -0.05 48.03
CA ARG E 88 36.10 -0.13 46.99
C ARG E 88 35.98 0.94 45.91
N PHE E 89 34.98 1.85 45.95
CA PHE E 89 34.97 3.03 45.08
C PHE E 89 35.06 4.30 45.95
N THR E 90 35.71 5.36 45.41
CA THR E 90 35.86 6.68 46.06
C THR E 90 35.81 7.83 45.05
N ILE E 91 35.00 8.91 45.36
CA ILE E 91 34.81 10.10 44.50
C ILE E 91 35.77 11.24 44.85
N SER E 92 36.09 12.07 43.84
CA SER E 92 37.05 13.17 43.94
C SER E 92 36.85 14.13 42.77
N ARG E 93 37.27 15.38 42.95
CA ARG E 93 37.30 16.36 41.87
C ARG E 93 38.32 17.46 42.17
N ASP E 94 38.72 18.17 41.11
CA ASP E 94 39.68 19.26 41.20
C ASP E 94 38.98 20.58 40.94
N ASP E 95 38.69 21.34 42.01
CA ASP E 95 38.02 22.61 41.83
C ASP E 95 38.85 23.54 40.94
N SER E 96 40.18 23.35 40.92
CA SER E 96 41.09 24.09 40.06
C SER E 96 40.76 23.85 38.58
N SER E 98 38.54 21.14 37.77
CA SER E 98 38.17 21.68 36.48
C SER E 98 37.73 20.33 35.90
N MET E 99 38.12 19.28 36.65
CA MET E 99 37.93 17.85 36.38
C MET E 99 37.15 17.15 37.51
N LEU E 100 36.40 16.10 37.12
CA LEU E 100 35.69 15.14 37.98
C LEU E 100 36.28 13.74 37.86
N TYR E 101 36.49 13.03 38.98
CA TYR E 101 37.12 11.71 38.98
C TYR E 101 36.30 10.69 39.78
N LEU E 102 36.43 9.40 39.39
CA LEU E 102 35.91 8.25 40.13
C LEU E 102 36.87 7.07 40.06
N GLN E 103 37.52 6.72 41.17
CA GLN E 103 38.42 5.58 41.24
C GLN E 103 37.66 4.34 41.67
N MET E 104 37.70 3.30 40.83
CA MET E 104 36.98 2.06 41.06
C MET E 104 37.97 0.91 41.20
N ASN E 105 37.97 0.26 42.37
CA ASN E 105 38.87 -0.85 42.64
C ASN E 105 38.09 -2.10 43.01
N ASN E 106 38.77 -3.24 42.93
CA ASN E 106 38.18 -4.55 43.25
C ASN E 106 36.92 -4.76 42.42
N LEU E 107 37.07 -4.58 41.10
CA LEU E 107 35.93 -4.60 40.20
C LEU E 107 35.36 -6.02 40.10
N LYS E 108 34.03 -6.08 39.95
CA LYS E 108 33.22 -7.29 39.93
C LYS E 108 32.34 -7.29 38.68
N THR E 109 31.79 -8.46 38.32
CA THR E 109 30.96 -8.49 37.11
C THR E 109 29.78 -7.51 37.23
N GLU E 110 29.20 -7.34 38.45
CA GLU E 110 28.06 -6.44 38.63
C GLU E 110 28.39 -5.00 38.37
N ASP E 111 29.66 -4.61 38.29
CA ASP E 111 29.95 -3.22 38.01
C ASP E 111 29.96 -2.89 36.52
N THR E 112 29.81 -3.89 35.64
CA THR E 112 29.70 -3.59 34.22
C THR E 112 28.49 -2.72 33.98
N ALA E 113 28.73 -1.51 33.48
CA ALA E 113 27.66 -0.57 33.33
C ALA E 113 28.20 0.59 32.52
N MET E 114 27.28 1.42 32.04
CA MET E 114 27.60 2.74 31.54
C MET E 114 27.55 3.72 32.71
N TYR E 115 28.62 4.50 32.86
CA TYR E 115 28.81 5.43 33.96
C TYR E 115 28.67 6.86 33.47
N TYR E 116 27.85 7.64 34.17
CA TYR E 116 27.54 9.01 33.81
C TYR E 116 28.05 9.97 34.87
N CYS E 117 28.74 11.02 34.45
CA CYS E 117 28.98 12.15 35.34
C CYS E 117 27.79 13.10 35.28
N VAL E 118 27.30 13.54 36.45
CA VAL E 118 26.09 14.37 36.49
C VAL E 118 26.20 15.47 37.53
N SER E 119 25.89 16.70 37.12
CA SER E 119 25.73 17.88 37.97
C SER E 119 24.83 17.65 39.19
N ALA E 125 19.88 20.43 35.45
CA ALA E 125 20.69 19.25 35.79
C ALA E 125 21.25 18.58 34.54
N TYR E 126 22.58 18.48 34.47
CA TYR E 126 23.33 18.09 33.28
C TYR E 126 23.92 16.69 33.41
N TRP E 127 23.82 15.89 32.34
CA TRP E 127 24.37 14.55 32.29
C TRP E 127 25.57 14.52 31.36
N GLY E 128 26.62 13.81 31.76
CA GLY E 128 27.76 13.57 30.88
C GLY E 128 27.42 12.69 29.69
N GLN E 129 28.43 12.47 28.84
CA GLN E 129 28.23 11.62 27.66
C GLN E 129 28.25 10.12 27.99
N GLY E 130 28.79 9.73 29.14
CA GLY E 130 28.87 8.33 29.52
C GLY E 130 30.11 7.64 28.96
N THR E 131 30.70 6.75 29.75
CA THR E 131 31.74 5.84 29.29
C THR E 131 31.39 4.44 29.74
N LEU E 132 31.42 3.49 28.80
CA LEU E 132 31.14 2.09 29.12
C LEU E 132 32.32 1.49 29.89
N VAL E 133 32.03 0.86 31.02
CA VAL E 133 33.01 0.11 31.79
C VAL E 133 32.61 -1.36 31.75
N THR E 134 33.48 -2.20 31.18
CA THR E 134 33.24 -3.63 31.07
C THR E 134 34.23 -4.39 31.95
N VAL E 135 33.70 -5.17 32.90
CA VAL E 135 34.53 -5.92 33.84
C VAL E 135 34.54 -7.38 33.40
N SER E 136 35.61 -7.79 32.74
CA SER E 136 35.79 -9.13 32.24
C SER E 136 37.28 -9.43 32.14
N SER E 137 37.63 -10.69 32.37
CA SER E 137 39.00 -11.12 32.16
C SER E 137 39.30 -11.42 30.70
N ALA E 138 38.30 -11.36 29.83
CA ALA E 138 38.51 -11.81 28.47
C ALA E 138 39.31 -10.78 27.68
N SER E 139 40.06 -11.26 26.70
CA SER E 139 40.79 -10.31 25.89
C SER E 139 39.83 -9.72 24.87
N THR E 140 40.17 -8.53 24.39
CA THR E 140 39.34 -7.94 23.35
C THR E 140 39.43 -8.81 22.11
N LYS E 141 38.33 -8.89 21.38
CA LYS E 141 38.32 -9.66 20.14
C LYS E 141 37.51 -8.86 19.14
N GLY E 142 38.12 -8.51 18.01
CA GLY E 142 37.44 -7.82 16.95
C GLY E 142 36.56 -8.76 16.16
N PRO E 143 35.57 -8.19 15.47
CA PRO E 143 34.59 -9.02 14.77
C PRO E 143 35.13 -9.65 13.50
N SER E 144 34.47 -10.73 13.11
CA SER E 144 34.45 -11.19 11.73
C SER E 144 33.24 -10.57 11.04
N VAL E 145 33.42 -10.12 9.80
CA VAL E 145 32.35 -9.45 9.06
C VAL E 145 31.99 -10.32 7.86
N PHE E 146 30.77 -10.84 7.86
CA PHE E 146 30.40 -11.66 6.72
C PHE E 146 29.26 -11.02 5.93
N PRO E 147 29.23 -11.16 4.61
CA PRO E 147 28.12 -10.60 3.83
C PRO E 147 26.87 -11.44 3.98
N LEU E 148 25.74 -10.75 4.07
CA LEU E 148 24.43 -11.38 3.88
C LEU E 148 24.01 -11.01 2.46
N ALA E 149 24.17 -11.97 1.54
CA ALA E 149 24.01 -11.75 0.11
C ALA E 149 22.76 -12.43 -0.44
N PRO E 150 22.05 -11.76 -1.34
CA PRO E 150 20.83 -12.33 -1.96
C PRO E 150 21.05 -13.21 -3.20
N SER E 151 20.28 -14.31 -3.28
CA SER E 151 20.11 -14.98 -4.57
C SER E 151 19.33 -14.13 -5.58
N SER E 152 19.18 -14.73 -6.75
CA SER E 152 18.46 -14.24 -7.91
C SER E 152 16.98 -14.03 -7.59
N SER E 156 16.48 -10.35 -8.74
CA SER E 156 15.84 -10.72 -10.00
C SER E 156 14.84 -9.64 -10.47
N GLY E 157 14.17 -9.03 -9.50
CA GLY E 157 13.19 -8.00 -9.76
C GLY E 157 12.49 -7.58 -8.48
N GLY E 158 12.15 -6.29 -8.39
CA GLY E 158 11.50 -5.77 -7.20
C GLY E 158 12.50 -5.33 -6.16
N THR E 159 12.26 -5.72 -4.91
CA THR E 159 13.05 -5.30 -3.78
C THR E 159 14.00 -6.41 -3.37
N ALA E 160 15.24 -6.05 -3.03
CA ALA E 160 16.24 -7.00 -2.57
C ALA E 160 16.78 -6.59 -1.21
N ALA E 161 17.04 -7.56 -0.36
CA ALA E 161 17.68 -7.31 0.93
C ALA E 161 19.11 -7.85 0.94
N LEU E 162 20.01 -7.07 1.52
CA LEU E 162 21.36 -7.53 1.75
C LEU E 162 21.82 -6.93 3.06
N GLY E 163 22.95 -7.42 3.56
CA GLY E 163 23.39 -6.97 4.85
C GLY E 163 24.78 -7.46 5.19
N CYS E 164 25.14 -7.26 6.45
CA CYS E 164 26.41 -7.68 7.00
C CYS E 164 26.18 -8.39 8.31
N LEU E 165 26.87 -9.50 8.52
CA LEU E 165 26.86 -10.21 9.80
C LEU E 165 28.16 -9.89 10.52
N VAL E 166 28.06 -9.26 11.68
CA VAL E 166 29.23 -8.77 12.40
C VAL E 166 29.36 -9.65 13.65
N LYS E 167 30.24 -10.66 13.59
CA LYS E 167 30.12 -11.83 14.44
C LYS E 167 31.33 -11.99 15.36
N ASP E 168 31.06 -12.37 16.62
CA ASP E 168 32.08 -12.85 17.54
C ASP E 168 33.06 -11.75 17.96
N TYR E 169 32.55 -10.70 18.63
CA TYR E 169 33.41 -9.65 19.15
C TYR E 169 33.19 -9.42 20.64
N PHE E 170 34.12 -8.71 21.24
CA PHE E 170 34.13 -8.39 22.65
C PHE E 170 35.16 -7.31 22.95
N PRO E 171 34.83 -6.31 23.79
CA PRO E 171 33.53 -6.06 24.40
C PRO E 171 32.66 -5.24 23.45
N GLU E 172 31.58 -4.67 23.97
CA GLU E 172 30.82 -3.68 23.24
C GLU E 172 31.57 -2.35 23.19
N PRO E 173 31.25 -1.46 22.22
CA PRO E 173 30.26 -1.57 21.13
C PRO E 173 30.87 -1.66 19.74
N VAL E 174 30.05 -2.02 18.76
CA VAL E 174 30.41 -1.83 17.36
C VAL E 174 29.38 -0.87 16.77
N THR E 175 29.79 -0.17 15.73
CA THR E 175 28.93 0.69 14.95
C THR E 175 28.99 0.25 13.49
N VAL E 176 27.88 0.41 12.79
CA VAL E 176 27.76 0.00 11.40
C VAL E 176 27.12 1.14 10.64
N SER E 177 27.73 1.53 9.54
CA SER E 177 27.05 2.41 8.60
C SER E 177 27.16 1.78 7.23
N TRP E 178 26.48 2.38 6.25
CA TRP E 178 26.48 1.87 4.88
C TRP E 178 26.96 2.99 3.95
N ASN E 179 27.86 2.63 3.04
CA ASN E 179 28.50 3.59 2.14
C ASN E 179 28.94 4.83 2.90
N SER E 180 29.71 4.58 3.96
CA SER E 180 30.32 5.60 4.79
C SER E 180 29.28 6.57 5.33
N GLY E 181 28.05 6.10 5.53
CA GLY E 181 26.97 6.93 6.01
C GLY E 181 26.11 7.58 4.94
N ALA E 182 26.45 7.47 3.66
CA ALA E 182 25.57 8.05 2.63
C ALA E 182 24.24 7.29 2.53
N LEU E 183 24.22 5.99 2.85
CA LEU E 183 23.04 5.14 2.71
C LEU E 183 22.41 4.93 4.08
N THR E 184 21.24 5.52 4.29
CA THR E 184 20.58 5.41 5.58
C THR E 184 19.14 4.93 5.42
N SER E 185 18.48 5.31 4.33
CA SER E 185 17.07 4.95 4.16
C SER E 185 16.93 3.44 3.99
N GLY E 186 16.06 2.83 4.79
CA GLY E 186 15.83 1.41 4.72
C GLY E 186 16.87 0.57 5.43
N VAL E 187 17.77 1.20 6.19
CA VAL E 187 18.81 0.50 6.95
C VAL E 187 18.22 0.04 8.29
N HIS E 188 18.43 -1.22 8.62
CA HIS E 188 18.11 -1.69 9.98
C HIS E 188 19.35 -2.31 10.56
N THR E 189 19.87 -1.69 11.59
CA THR E 189 21.03 -2.18 12.30
C THR E 189 20.54 -2.76 13.61
N PHE E 190 20.66 -4.06 13.75
CA PHE E 190 20.04 -4.73 14.90
C PHE E 190 20.90 -4.54 16.14
N PRO E 191 20.27 -4.54 17.31
CA PRO E 191 21.05 -4.52 18.55
C PRO E 191 21.93 -5.76 18.61
N ALA E 192 23.06 -5.61 19.28
CA ALA E 192 23.92 -6.77 19.53
C ALA E 192 23.17 -7.81 20.36
N VAL E 193 23.44 -9.09 20.08
CA VAL E 193 22.95 -10.20 20.89
C VAL E 193 24.16 -10.84 21.58
N LEU E 194 23.95 -11.30 22.80
CA LEU E 194 24.97 -12.06 23.52
C LEU E 194 24.87 -13.48 23.02
N GLN E 195 25.88 -13.96 22.31
CA GLN E 195 25.76 -15.34 21.87
C GLN E 195 26.06 -16.25 23.04
N SER E 196 25.66 -17.51 22.90
CA SER E 196 25.90 -18.47 23.96
C SER E 196 27.38 -18.67 24.20
N SER E 197 28.20 -18.43 23.17
CA SER E 197 29.65 -18.50 23.31
C SER E 197 30.20 -17.39 24.19
N GLY E 198 29.37 -16.44 24.61
CA GLY E 198 29.79 -15.31 25.41
C GLY E 198 30.33 -14.14 24.61
N LEU E 199 30.35 -14.25 23.29
CA LEU E 199 30.74 -13.19 22.38
C LEU E 199 29.50 -12.56 21.76
N TYR E 200 29.61 -11.28 21.45
CA TYR E 200 28.53 -10.54 20.83
C TYR E 200 28.53 -10.73 19.32
N SER E 201 27.39 -10.43 18.71
CA SER E 201 27.30 -10.37 17.26
C SER E 201 26.05 -9.57 16.89
N LEU E 202 26.14 -8.80 15.82
CA LEU E 202 24.96 -8.08 15.36
C LEU E 202 24.89 -8.08 13.84
N SER E 203 23.66 -8.01 13.33
CA SER E 203 23.42 -7.88 11.90
C SER E 203 22.92 -6.48 11.57
N SER E 204 23.27 -6.03 10.37
CA SER E 204 22.69 -4.82 9.83
C SER E 204 22.38 -5.10 8.39
N VAL E 205 21.20 -4.64 7.95
CA VAL E 205 20.65 -4.96 6.65
C VAL E 205 20.18 -3.67 6.01
N VAL E 206 20.00 -3.74 4.69
CA VAL E 206 19.43 -2.65 3.92
C VAL E 206 18.68 -3.29 2.76
N THR E 207 17.54 -2.72 2.42
CA THR E 207 16.83 -3.16 1.23
C THR E 207 17.07 -2.14 0.13
N VAL E 208 17.24 -2.64 -1.09
CA VAL E 208 17.56 -1.83 -2.26
C VAL E 208 16.74 -2.37 -3.43
N PRO E 209 16.59 -1.57 -4.49
CA PRO E 209 15.98 -2.15 -5.70
C PRO E 209 16.92 -3.23 -6.27
N SER E 210 16.35 -4.41 -6.55
CA SER E 210 17.16 -5.50 -7.11
C SER E 210 17.71 -5.17 -8.49
N SER E 211 17.00 -4.35 -9.26
CA SER E 211 17.54 -3.86 -10.52
C SER E 211 18.82 -3.07 -10.31
N SER E 212 19.11 -2.67 -9.06
CA SER E 212 20.24 -1.82 -8.75
C SER E 212 21.47 -2.62 -8.33
N LEU E 213 21.30 -3.90 -8.04
CA LEU E 213 22.43 -4.78 -7.80
C LEU E 213 23.29 -4.87 -9.05
N GLY E 214 24.59 -4.95 -8.86
CA GLY E 214 25.41 -5.04 -10.06
C GLY E 214 25.88 -3.69 -10.51
N THR E 215 25.03 -2.67 -10.41
CA THR E 215 25.49 -1.31 -10.71
C THR E 215 25.92 -0.53 -9.47
N GLN E 216 25.21 -0.65 -8.35
CA GLN E 216 25.65 0.10 -7.19
C GLN E 216 26.55 -0.79 -6.30
N THR E 217 27.29 -0.13 -5.44
CA THR E 217 28.31 -0.73 -4.58
C THR E 217 27.76 -0.53 -3.19
N TYR E 218 27.64 -1.61 -2.45
CA TYR E 218 27.06 -1.55 -1.13
C TYR E 218 28.13 -2.03 -0.21
N ILE E 219 28.59 -1.15 0.66
CA ILE E 219 29.69 -1.38 1.57
C ILE E 219 29.19 -1.14 2.98
N CYS E 220 29.41 -2.09 3.88
CA CYS E 220 29.10 -1.88 5.29
C CYS E 220 30.38 -1.52 6.02
N ASN E 221 30.31 -0.48 6.82
CA ASN E 221 31.49 0.10 7.48
C ASN E 221 31.42 -0.30 8.94
N VAL E 222 32.30 -1.20 9.35
CA VAL E 222 32.25 -1.75 10.70
C VAL E 222 33.36 -1.12 11.51
N ASN E 223 33.01 -0.68 12.70
CA ASN E 223 33.96 -0.12 13.65
C ASN E 223 33.82 -0.83 14.98
N HIS E 224 34.90 -1.47 15.43
CA HIS E 224 34.95 -2.04 16.76
C HIS E 224 36.12 -1.34 17.44
N LYS E 225 35.83 -0.21 18.09
CA LYS E 225 36.89 0.61 18.68
C LYS E 225 37.66 -0.12 19.77
N PRO E 226 37.04 -0.88 20.69
CA PRO E 226 37.83 -1.60 21.71
C PRO E 226 38.94 -2.49 21.15
N SER E 227 38.84 -2.94 19.91
CA SER E 227 39.89 -3.73 19.30
C SER E 227 40.56 -2.96 18.17
N ASN E 228 40.23 -1.67 18.03
CA ASN E 228 40.77 -0.82 16.96
C ASN E 228 40.61 -1.48 15.59
N THR E 229 39.48 -2.13 15.37
CA THR E 229 39.19 -2.77 14.10
C THR E 229 38.31 -1.86 13.27
N LYS E 230 38.72 -1.63 12.03
CA LYS E 230 37.93 -0.89 11.05
C LYS E 230 37.83 -1.74 9.80
N VAL E 231 36.60 -2.07 9.39
CA VAL E 231 36.38 -2.93 8.23
C VAL E 231 35.34 -2.26 7.34
N ASP E 232 35.70 -2.10 6.06
CA ASP E 232 34.80 -1.75 4.99
C ASP E 232 34.60 -3.03 4.18
N LYS E 233 33.38 -3.55 4.16
CA LYS E 233 33.14 -4.85 3.53
C LYS E 233 32.18 -4.62 2.38
N ARG E 234 32.64 -4.96 1.18
CA ARG E 234 31.80 -4.91 0.01
C ARG E 234 30.86 -6.11 0.04
N VAL E 235 29.58 -5.86 -0.17
CA VAL E 235 28.57 -6.92 -0.26
C VAL E 235 28.19 -7.04 -1.72
N GLU E 236 28.44 -8.22 -2.29
CA GLU E 236 28.17 -8.57 -3.66
C GLU E 236 27.16 -9.70 -3.68
N PRO E 237 26.29 -9.73 -4.67
CA PRO E 237 25.27 -10.79 -4.75
C PRO E 237 25.82 -12.15 -5.13
N LYS E 238 25.06 -13.18 -4.73
CA LYS E 238 25.28 -14.58 -5.14
C LYS E 238 23.96 -15.27 -5.55
N THR F 21 14.86 3.93 49.90
CA THR F 21 13.59 3.26 49.66
C THR F 21 13.33 2.93 48.19
N THR F 22 12.29 2.15 47.93
CA THR F 22 11.98 1.66 46.59
C THR F 22 10.90 2.50 45.93
N VAL F 23 11.11 2.77 44.64
CA VAL F 23 10.23 3.61 43.83
C VAL F 23 9.77 2.76 42.66
N THR F 24 8.47 2.48 42.59
CA THR F 24 7.96 1.62 41.54
C THR F 24 7.08 2.42 40.60
N GLN F 25 7.35 2.27 39.31
CA GLN F 25 6.78 3.03 38.21
C GLN F 25 5.75 2.18 37.49
N SER F 26 4.75 2.84 36.90
CA SER F 26 3.72 2.19 36.09
C SER F 26 3.37 3.08 34.91
N PRO F 27 3.12 2.51 33.72
CA PRO F 27 3.30 1.11 33.39
C PRO F 27 4.77 0.89 33.03
N SER F 28 5.22 -0.35 32.83
CA SER F 28 6.62 -0.50 32.42
C SER F 28 6.80 -0.10 30.95
N SER F 29 5.80 -0.36 30.11
CA SER F 29 5.80 0.08 28.71
C SER F 29 4.37 0.33 28.23
N MET F 30 4.23 1.16 27.20
CA MET F 30 2.92 1.44 26.63
C MET F 30 3.07 2.08 25.25
N TYR F 31 2.05 1.89 24.42
CA TYR F 31 1.97 2.54 23.11
C TYR F 31 0.88 3.61 23.13
N ALA F 32 1.12 4.68 22.37
CA ALA F 32 0.15 5.76 22.23
C ALA F 32 0.32 6.36 20.85
N SER F 33 -0.73 7.01 20.35
CA SER F 33 -0.67 7.66 19.05
C SER F 33 -0.51 9.15 19.20
N LEU F 34 0.05 9.78 18.17
CA LEU F 34 0.37 11.19 18.25
C LEU F 34 -0.89 12.03 18.42
N GLY F 35 -0.80 13.00 19.33
CA GLY F 35 -1.91 13.81 19.72
C GLY F 35 -2.60 13.33 20.98
N GLU F 36 -2.35 12.09 21.40
CA GLU F 36 -3.03 11.57 22.58
C GLU F 36 -2.34 12.03 23.87
N ARG F 37 -3.10 11.99 24.96
CA ARG F 37 -2.64 12.35 26.29
C ARG F 37 -2.09 11.12 27.00
N VAL F 38 -0.90 11.25 27.56
CA VAL F 38 -0.22 10.14 28.22
C VAL F 38 0.08 10.53 29.67
N THR F 39 -0.19 9.61 30.59
CA THR F 39 0.09 9.81 32.01
C THR F 39 0.77 8.56 32.55
N ILE F 40 1.92 8.73 33.20
CA ILE F 40 2.65 7.63 33.83
C ILE F 40 2.76 7.87 35.33
N THR F 41 2.80 6.77 36.09
CA THR F 41 2.74 6.80 37.55
C THR F 41 4.07 6.40 38.20
N CYS F 42 4.28 6.92 39.42
CA CYS F 42 5.52 6.68 40.18
C CYS F 42 5.19 6.65 41.66
N LYS F 43 5.34 5.48 42.31
CA LYS F 43 4.95 5.30 43.71
C LYS F 43 6.15 4.87 44.55
N ALA F 44 6.37 5.55 45.67
CA ALA F 44 7.45 5.23 46.60
C ALA F 44 6.93 4.39 47.77
N SER F 45 7.81 3.54 48.31
CA SER F 45 7.43 2.69 49.43
C SER F 45 7.15 3.48 50.71
N GLN F 46 7.47 4.76 50.73
CA GLN F 46 7.23 5.61 51.88
C GLN F 46 7.13 7.05 51.40
N ASP F 47 6.61 7.91 52.27
CA ASP F 47 6.53 9.33 51.97
C ASP F 47 7.92 9.85 51.61
N ILE F 48 8.01 10.54 50.47
CA ILE F 48 9.24 11.12 49.97
C ILE F 48 9.16 12.63 49.90
N ASN F 49 8.12 13.21 50.52
CA ASN F 49 8.05 14.66 50.74
C ASN F 49 8.10 15.42 49.41
N SER F 50 7.49 14.85 48.36
CA SER F 50 7.45 15.46 47.03
C SER F 50 8.84 15.64 46.42
N TYR F 51 9.84 14.89 46.92
CA TYR F 51 11.18 14.85 46.34
C TYR F 51 11.22 13.86 45.17
N LEU F 52 10.88 14.36 43.97
CA LEU F 52 10.79 13.54 42.77
C LEU F 52 11.30 14.30 41.55
N SER F 53 12.09 13.63 40.69
CA SER F 53 12.47 14.21 39.39
C SER F 53 12.20 13.19 38.27
N TRP F 54 11.90 13.72 37.08
CA TRP F 54 11.54 12.93 35.90
C TRP F 54 12.55 13.18 34.79
N PHE F 55 12.98 12.09 34.11
CA PHE F 55 13.97 12.14 33.04
C PHE F 55 13.49 11.39 31.80
N GLN F 56 13.86 11.90 30.62
CA GLN F 56 13.63 11.22 29.33
C GLN F 56 14.96 10.74 28.72
N GLN F 57 15.02 9.46 28.33
CA GLN F 57 16.20 8.86 27.71
C GLN F 57 15.87 8.24 26.35
N LYS F 58 16.52 8.70 25.31
CA LYS F 58 16.39 8.10 23.99
C LYS F 58 17.49 7.06 23.79
N PRO F 59 17.28 6.07 22.92
CA PRO F 59 18.19 4.92 22.86
C PRO F 59 19.62 5.32 22.54
N GLY F 60 20.56 4.84 23.35
CA GLY F 60 21.95 5.16 23.13
C GLY F 60 22.34 6.60 23.37
N LYS F 61 21.56 7.36 24.15
CA LYS F 61 21.89 8.75 24.49
C LYS F 61 21.73 8.96 25.98
N SER F 62 22.19 10.08 26.43
CA SER F 62 22.18 10.31 27.86
C SER F 62 20.86 10.93 28.32
N PRO F 63 20.49 10.71 29.58
CA PRO F 63 19.25 11.29 30.08
C PRO F 63 19.25 12.83 29.99
N LYS F 64 18.03 13.37 29.76
CA LYS F 64 17.63 14.77 29.72
C LYS F 64 16.61 14.97 30.83
N THR F 65 16.86 15.91 31.75
CA THR F 65 15.92 16.07 32.87
C THR F 65 14.73 16.95 32.47
N LEU F 66 13.54 16.63 33.05
CA LEU F 66 12.26 17.27 32.72
C LEU F 66 11.61 18.06 33.86
N ILE F 67 11.52 17.48 35.07
CA ILE F 67 10.79 18.05 36.20
C ILE F 67 11.56 17.76 37.49
N TYR F 68 11.42 18.67 38.48
CA TYR F 68 11.87 18.39 39.84
C TYR F 68 10.80 18.74 40.88
N ARG F 69 11.03 18.21 42.09
CA ARG F 69 10.14 18.39 43.24
C ARG F 69 8.69 18.11 42.87
N ALA F 70 8.47 16.95 42.24
CA ALA F 70 7.14 16.45 41.90
C ALA F 70 6.44 17.28 40.81
N SER F 71 6.69 18.60 40.73
CA SER F 71 5.86 19.41 39.85
C SER F 71 6.55 20.57 39.12
N ARG F 72 7.85 20.76 39.25
CA ARG F 72 8.46 21.97 38.69
C ARG F 72 9.05 21.70 37.31
N LEU F 73 8.59 22.44 36.32
CA LEU F 73 9.04 22.21 34.95
C LEU F 73 10.45 22.74 34.75
N VAL F 74 11.28 21.98 34.02
CA VAL F 74 12.65 22.39 33.71
C VAL F 74 12.68 23.35 32.54
N ASP F 75 13.55 24.36 32.65
CA ASP F 75 13.74 25.38 31.63
C ASP F 75 14.06 24.75 30.28
N GLY F 76 13.34 25.14 29.24
CA GLY F 76 13.55 24.61 27.91
C GLY F 76 12.73 23.38 27.59
N VAL F 77 12.23 22.69 28.62
CA VAL F 77 11.42 21.49 28.43
C VAL F 77 10.02 21.89 27.95
N PRO F 78 9.52 21.33 26.83
CA PRO F 78 8.19 21.71 26.29
C PRO F 78 7.03 21.65 27.29
N SER F 79 5.96 22.40 26.99
CA SER F 79 4.87 22.67 27.94
C SER F 79 3.96 21.48 28.23
N ARG F 80 3.98 20.44 27.40
CA ARG F 80 3.09 19.29 27.59
C ARG F 80 3.33 18.58 28.89
N PHE F 81 4.54 18.64 29.37
CA PHE F 81 4.91 17.86 30.53
C PHE F 81 4.46 18.59 31.78
N SER F 82 3.81 17.88 32.70
CA SER F 82 3.59 18.42 34.02
C SER F 82 3.79 17.31 35.00
N GLY F 83 4.06 17.69 36.23
CA GLY F 83 4.12 16.72 37.28
C GLY F 83 3.12 16.94 38.40
N SER F 84 2.81 15.86 39.11
CA SER F 84 1.83 15.93 40.18
C SER F 84 2.12 14.85 41.20
N GLY F 85 1.52 15.01 42.37
CA GLY F 85 1.52 13.99 43.40
C GLY F 85 1.92 14.53 44.76
N SER F 86 1.83 13.64 45.74
CA SER F 86 2.32 13.91 47.08
C SER F 86 2.35 12.59 47.86
N GLY F 87 3.12 12.58 48.93
CA GLY F 87 3.26 11.39 49.75
C GLY F 87 3.98 10.26 49.05
N GLN F 88 3.26 9.20 48.72
CA GLN F 88 3.86 8.11 47.96
C GLN F 88 3.48 8.12 46.48
N ASP F 89 2.44 8.86 46.08
CA ASP F 89 1.81 8.64 44.78
C ASP F 89 1.95 9.88 43.91
N TYR F 90 2.73 9.74 42.83
CA TYR F 90 3.14 10.83 41.94
C TYR F 90 2.95 10.40 40.49
N SER F 91 2.95 11.39 39.58
CA SER F 91 2.69 11.10 38.17
C SER F 91 3.31 12.17 37.28
N LEU F 92 3.60 11.76 36.04
CA LEU F 92 3.97 12.67 34.96
C LEU F 92 2.93 12.56 33.86
N THR F 93 2.69 13.66 33.15
CA THR F 93 1.70 13.70 32.09
C THR F 93 2.23 14.46 30.89
N ILE F 94 2.02 13.91 29.69
CA ILE F 94 2.24 14.60 28.44
C ILE F 94 0.86 14.91 27.86
N SER F 95 0.55 16.19 27.68
CA SER F 95 -0.80 16.58 27.29
C SER F 95 -1.15 16.11 25.88
N SER F 96 -0.24 16.29 24.92
CA SER F 96 -0.50 15.87 23.52
C SER F 96 0.77 15.28 22.92
N LEU F 97 0.79 13.95 22.76
CA LEU F 97 2.01 13.23 22.40
C LEU F 97 2.53 13.70 21.05
N GLU F 98 3.84 13.79 20.94
CA GLU F 98 4.45 14.16 19.67
C GLU F 98 5.62 13.23 19.41
N TYR F 99 6.05 13.14 18.14
CA TYR F 99 6.93 12.02 17.76
C TYR F 99 8.21 12.00 18.57
N GLU F 100 8.81 13.16 18.84
CA GLU F 100 10.09 13.21 19.54
C GLU F 100 9.97 12.78 21.00
N ASP F 101 8.76 12.57 21.51
CA ASP F 101 8.54 12.18 22.91
C ASP F 101 8.80 10.70 23.17
N MET F 102 9.09 9.90 22.15
CA MET F 102 9.33 8.48 22.35
C MET F 102 10.61 8.24 23.13
N GLY F 103 10.61 7.24 23.98
CA GLY F 103 11.77 6.88 24.74
C GLY F 103 11.37 6.26 26.06
N ILE F 104 12.34 6.21 26.99
CA ILE F 104 12.12 5.68 28.33
C ILE F 104 12.20 6.84 29.32
N TYR F 105 11.24 6.88 30.25
CA TYR F 105 11.11 7.93 31.26
C TYR F 105 11.32 7.34 32.66
N TYR F 106 12.21 7.95 33.45
CA TYR F 106 12.49 7.50 34.81
C TYR F 106 12.07 8.56 35.84
N CYS F 107 11.54 8.10 36.98
CA CYS F 107 11.34 8.96 38.14
C CYS F 107 12.39 8.68 39.21
N LEU F 108 12.72 9.73 39.98
CA LEU F 108 13.84 9.70 40.93
C LEU F 108 13.46 10.25 42.31
N GLN F 109 13.56 9.40 43.35
CA GLN F 109 13.43 9.81 44.74
C GLN F 109 14.77 10.30 45.28
N TYR F 110 14.81 11.54 45.76
CA TYR F 110 15.99 12.10 46.41
C TYR F 110 15.67 12.62 47.80
N ASP F 111 14.80 11.89 48.50
CA ASP F 111 14.48 12.21 49.88
C ASP F 111 15.54 11.63 50.82
N GLU F 112 15.62 10.32 50.88
CA GLU F 112 16.49 9.68 51.85
C GLU F 112 17.24 8.52 51.21
N PHE F 113 18.56 8.50 51.47
CA PHE F 113 19.52 7.72 50.71
C PHE F 113 19.37 6.23 51.00
N PRO F 114 19.54 5.37 49.98
CA PRO F 114 19.92 5.57 48.58
C PRO F 114 18.90 6.33 47.70
N TYR F 115 19.38 7.33 46.94
CA TYR F 115 18.55 8.13 46.04
C TYR F 115 18.18 7.29 44.81
N THR F 116 17.04 6.61 44.92
CA THR F 116 16.69 5.49 44.06
C THR F 116 15.76 5.92 42.93
N PHE F 117 15.83 5.17 41.84
CA PHE F 117 15.08 5.38 40.61
C PHE F 117 13.94 4.39 40.45
N GLY F 118 12.95 4.78 39.64
CA GLY F 118 11.94 3.83 39.22
C GLY F 118 12.41 3.01 38.04
N GLY F 119 11.63 1.96 37.74
CA GLY F 119 11.97 1.07 36.64
C GLY F 119 11.92 1.69 35.25
N GLY F 120 11.32 2.85 35.09
CA GLY F 120 11.30 3.40 33.75
C GLY F 120 10.03 2.99 33.02
N THR F 121 9.50 3.89 32.19
CA THR F 121 8.34 3.60 31.36
C THR F 121 8.78 3.78 29.91
N LYS F 122 8.66 2.74 29.11
CA LYS F 122 8.99 2.81 27.69
C LYS F 122 7.77 3.32 26.94
N LEU F 123 7.96 4.37 26.18
CA LEU F 123 6.87 4.96 25.43
C LEU F 123 7.13 4.78 23.95
N GLU F 124 6.18 4.15 23.25
CA GLU F 124 6.28 3.89 21.84
C GLU F 124 5.02 4.35 21.14
N ILE F 125 5.09 4.38 19.81
CA ILE F 125 4.00 4.88 18.98
C ILE F 125 3.11 3.73 18.54
N LYS F 126 1.80 3.91 18.71
CA LYS F 126 0.79 2.99 18.19
C LYS F 126 0.71 3.10 16.66
N ARG F 127 0.46 1.98 16.00
CA ARG F 127 0.18 2.04 14.56
C ARG F 127 -0.63 0.79 14.21
N THR F 128 -1.04 0.71 12.93
CA THR F 128 -1.86 -0.40 12.48
C THR F 128 -0.99 -1.62 12.24
N VAL F 129 -1.61 -2.80 12.36
CA VAL F 129 -0.94 -4.06 12.05
C VAL F 129 -0.25 -3.99 10.68
N ALA F 130 0.93 -4.59 10.59
CA ALA F 130 1.70 -4.61 9.35
C ALA F 130 2.41 -5.95 9.23
N ALA F 131 2.32 -6.55 8.09
CA ALA F 131 2.89 -7.86 7.90
C ALA F 131 4.35 -7.75 7.48
N PRO F 132 5.20 -8.68 7.94
CA PRO F 132 6.61 -8.61 7.62
C PRO F 132 6.90 -9.13 6.21
N SER F 133 7.90 -8.51 5.56
CA SER F 133 8.59 -9.12 4.42
C SER F 133 9.73 -10.01 4.91
N VAL F 134 9.79 -11.25 4.40
CA VAL F 134 10.73 -12.24 4.88
C VAL F 134 11.82 -12.51 3.85
N PHE F 135 13.07 -12.57 4.33
CA PHE F 135 14.25 -12.86 3.52
C PHE F 135 15.11 -13.88 4.25
N ILE F 136 15.74 -14.75 3.48
CA ILE F 136 16.66 -15.75 4.01
C ILE F 136 18.02 -15.58 3.33
N PHE F 137 19.08 -15.79 4.11
CA PHE F 137 20.45 -15.67 3.64
C PHE F 137 21.21 -16.94 3.97
N PRO F 138 21.81 -17.61 2.99
CA PRO F 138 22.69 -18.73 3.31
C PRO F 138 23.94 -18.21 3.99
N PRO F 139 24.72 -19.10 4.62
CA PRO F 139 26.00 -18.64 5.18
C PRO F 139 26.97 -18.25 4.08
N SER F 140 27.74 -17.20 4.35
CA SER F 140 28.73 -16.71 3.39
C SER F 140 29.83 -17.74 3.14
N ASP F 141 30.42 -17.68 1.94
CA ASP F 141 31.55 -18.56 1.63
C ASP F 141 32.71 -18.33 2.61
N GLU F 142 33.06 -17.08 2.93
CA GLU F 142 34.05 -16.89 4.01
C GLU F 142 33.79 -17.73 5.23
N GLN F 143 32.61 -17.51 5.83
CA GLN F 143 32.35 -18.12 7.11
C GLN F 143 32.48 -19.62 7.03
N LEU F 144 32.00 -20.21 5.93
CA LEU F 144 32.10 -21.65 5.78
C LEU F 144 33.56 -22.08 5.76
N LYS F 145 34.43 -21.32 5.10
CA LYS F 145 35.86 -21.64 5.12
C LYS F 145 36.40 -21.80 6.53
N SER F 146 35.77 -21.14 7.51
CA SER F 146 36.25 -21.12 8.89
C SER F 146 35.54 -22.13 9.82
N GLY F 147 34.61 -22.93 9.32
CA GLY F 147 34.06 -24.02 10.13
C GLY F 147 32.78 -23.76 10.88
N THR F 148 32.20 -22.56 10.79
CA THR F 148 30.89 -22.31 11.35
C THR F 148 29.95 -21.79 10.26
N ALA F 149 28.66 -22.11 10.41
CA ALA F 149 27.64 -21.73 9.43
C ALA F 149 26.52 -21.02 10.16
N SER F 150 26.28 -19.76 9.78
CA SER F 150 25.16 -18.97 10.28
C SER F 150 24.17 -18.75 9.14
N VAL F 151 22.92 -19.12 9.38
CA VAL F 151 21.83 -18.86 8.44
C VAL F 151 20.98 -17.76 9.04
N VAL F 152 20.63 -16.77 8.22
CA VAL F 152 19.97 -15.58 8.72
C VAL F 152 18.62 -15.44 8.06
N CYS F 153 17.61 -15.20 8.86
CA CYS F 153 16.26 -14.92 8.40
C CYS F 153 15.88 -13.54 8.86
N LEU F 154 15.36 -12.74 7.94
CA LEU F 154 15.06 -11.34 8.20
C LEU F 154 13.56 -11.11 8.02
N LEU F 155 12.93 -10.55 9.05
CA LEU F 155 11.54 -10.12 8.98
C LEU F 155 11.56 -8.60 8.96
N ASN F 156 11.08 -8.02 7.86
CA ASN F 156 11.23 -6.59 7.65
C ASN F 156 9.90 -5.87 7.81
N ASN F 157 9.91 -4.82 8.63
CA ASN F 157 8.85 -3.81 8.68
C ASN F 157 7.48 -4.43 9.00
N PHE F 158 7.38 -4.91 10.23
CA PHE F 158 6.14 -5.51 10.69
C PHE F 158 5.69 -4.86 11.99
N TYR F 159 4.43 -5.09 12.31
CA TYR F 159 3.80 -4.58 13.50
C TYR F 159 2.58 -5.43 13.76
N PRO F 160 2.33 -5.88 15.01
CA PRO F 160 3.08 -5.57 16.24
C PRO F 160 4.37 -6.39 16.40
N ARG F 161 5.03 -6.20 17.54
CA ARG F 161 6.37 -6.71 17.77
C ARG F 161 6.41 -8.23 17.87
N GLU F 162 5.39 -8.84 18.45
CA GLU F 162 5.43 -10.26 18.66
C GLU F 162 5.40 -10.94 17.29
N ALA F 163 6.36 -11.85 17.08
CA ALA F 163 6.50 -12.58 15.83
C ALA F 163 7.15 -13.90 16.14
N LYS F 164 6.77 -14.94 15.41
CA LYS F 164 7.36 -16.25 15.59
C LYS F 164 8.11 -16.68 14.34
N VAL F 165 9.36 -17.08 14.55
CA VAL F 165 10.26 -17.62 13.55
C VAL F 165 10.56 -19.05 13.94
N GLN F 166 10.36 -19.98 13.03
CA GLN F 166 10.66 -21.38 13.30
C GLN F 166 11.65 -21.77 12.24
N TRP F 167 12.68 -22.51 12.60
CA TRP F 167 13.68 -22.96 11.63
C TRP F 167 13.47 -24.44 11.34
N LYS F 168 13.50 -24.81 10.06
CA LYS F 168 13.43 -26.21 9.69
C LYS F 168 14.59 -26.58 8.79
N VAL F 169 15.36 -27.57 9.20
CA VAL F 169 16.46 -28.13 8.41
C VAL F 169 16.01 -29.50 7.93
N ASP F 170 15.87 -29.65 6.62
CA ASP F 170 15.24 -30.83 6.04
C ASP F 170 13.93 -31.11 6.78
N ASN F 171 13.13 -30.06 6.96
CA ASN F 171 11.83 -30.11 7.62
C ASN F 171 11.91 -30.54 9.08
N ALA F 172 13.09 -30.50 9.70
CA ALA F 172 13.22 -30.89 11.10
C ALA F 172 13.33 -29.63 11.95
N LEU F 173 12.36 -29.42 12.84
CA LEU F 173 12.32 -28.22 13.66
C LEU F 173 13.59 -28.11 14.52
N GLN F 174 14.01 -26.87 14.75
CA GLN F 174 15.23 -26.61 15.48
C GLN F 174 14.92 -25.98 16.81
N SER F 175 15.73 -26.29 17.81
CA SER F 175 15.55 -25.79 19.16
C SER F 175 16.90 -25.50 19.80
N GLY F 176 16.99 -24.35 20.47
CA GLY F 176 18.13 -23.99 21.27
C GLY F 176 19.34 -23.48 20.51
N ASN F 177 19.28 -23.42 19.17
CA ASN F 177 20.41 -22.96 18.36
C ASN F 177 20.07 -21.75 17.48
N SER F 178 19.11 -20.93 17.90
CA SER F 178 18.71 -19.76 17.12
C SER F 178 18.49 -18.58 18.05
N GLN F 179 18.93 -17.40 17.62
CA GLN F 179 18.75 -16.17 18.36
C GLN F 179 18.11 -15.09 17.51
N GLU F 180 17.19 -14.36 18.13
CA GLU F 180 16.48 -13.26 17.51
C GLU F 180 17.05 -11.94 17.98
N SER F 181 16.82 -10.91 17.19
CA SER F 181 17.15 -9.57 17.61
C SER F 181 16.14 -8.64 16.96
N VAL F 182 15.74 -7.57 17.64
CA VAL F 182 14.65 -6.74 17.15
C VAL F 182 15.04 -5.27 17.20
N THR F 183 14.82 -4.55 16.10
CA THR F 183 15.11 -3.13 16.06
C THR F 183 14.14 -2.39 16.97
N GLU F 184 14.53 -1.17 17.34
CA GLU F 184 13.61 -0.21 17.89
C GLU F 184 12.70 0.28 16.77
N GLN F 185 11.59 0.91 17.13
CA GLN F 185 10.61 1.29 16.13
C GLN F 185 11.23 2.13 15.02
N ASP F 186 10.94 1.77 13.77
CA ASP F 186 11.48 2.50 12.65
C ASP F 186 11.07 3.98 12.67
N SER F 187 11.97 4.86 12.23
CA SER F 187 11.72 6.28 12.43
C SER F 187 10.66 6.87 11.49
N LYS F 188 10.33 6.23 10.37
CA LYS F 188 9.27 6.72 9.47
C LYS F 188 7.92 6.17 9.82
N ASP F 189 7.88 4.83 9.86
CA ASP F 189 6.66 4.06 9.77
C ASP F 189 6.37 3.30 11.06
N SER F 190 7.15 3.54 12.10
CA SER F 190 6.95 2.91 13.41
C SER F 190 6.87 1.38 13.36
N THR F 191 7.44 0.71 12.34
CA THR F 191 7.45 -0.75 12.36
C THR F 191 8.70 -1.30 13.05
N TYR F 192 8.72 -2.61 13.20
CA TYR F 192 9.85 -3.35 13.74
C TYR F 192 10.45 -4.21 12.63
N SER F 193 11.71 -4.58 12.82
CA SER F 193 12.32 -5.62 12.00
C SER F 193 13.05 -6.58 12.92
N LEU F 194 13.08 -7.84 12.54
CA LEU F 194 13.65 -8.88 13.38
C LEU F 194 14.57 -9.72 12.53
N SER F 195 15.63 -10.19 13.17
CA SER F 195 16.56 -11.11 12.53
C SER F 195 16.75 -12.32 13.43
N SER F 196 16.70 -13.51 12.85
CA SER F 196 16.98 -14.73 13.59
C SER F 196 18.15 -15.44 12.93
N THR F 197 19.14 -15.83 13.74
CA THR F 197 20.37 -16.42 13.25
C THR F 197 20.46 -17.85 13.77
N LEU F 198 20.38 -18.79 12.85
CA LEU F 198 20.58 -20.21 13.14
C LEU F 198 22.06 -20.51 12.90
N THR F 199 22.73 -21.00 13.94
CA THR F 199 24.15 -21.29 13.84
C THR F 199 24.38 -22.80 13.94
N LEU F 200 25.21 -23.31 13.05
CA LEU F 200 25.52 -24.74 13.00
C LEU F 200 27.00 -24.91 12.68
N SER F 201 27.54 -26.07 13.08
CA SER F 201 28.87 -26.47 12.62
C SER F 201 28.90 -26.58 11.10
N LYS F 202 30.10 -26.40 10.53
CA LYS F 202 30.22 -26.60 9.08
C LYS F 202 29.86 -28.03 8.70
N ALA F 203 30.13 -28.98 9.59
CA ALA F 203 29.79 -30.38 9.33
C ALA F 203 28.29 -30.58 9.26
N ASP F 204 27.56 -30.10 10.28
CA ASP F 204 26.10 -30.23 10.30
C ASP F 204 25.47 -29.52 9.11
N TYR F 205 25.95 -28.32 8.80
CA TYR F 205 25.38 -27.58 7.69
C TYR F 205 25.47 -28.37 6.40
N GLU F 206 26.62 -29.03 6.15
CA GLU F 206 26.83 -29.79 4.92
C GLU F 206 26.14 -31.15 4.93
N LYS F 207 25.62 -31.61 6.07
CA LYS F 207 24.85 -32.84 6.12
C LYS F 207 23.39 -32.68 5.68
N HIS F 208 22.97 -31.49 5.23
CA HIS F 208 21.57 -31.27 4.93
C HIS F 208 21.43 -30.36 3.73
N LYS F 209 20.26 -30.38 3.11
CA LYS F 209 20.01 -29.67 1.87
C LYS F 209 19.12 -28.44 2.06
N VAL F 210 17.96 -28.61 2.70
CA VAL F 210 16.88 -27.61 2.70
C VAL F 210 16.91 -26.86 4.03
N TYR F 211 17.16 -25.54 3.96
CA TYR F 211 17.16 -24.66 5.12
C TYR F 211 15.97 -23.72 5.01
N ALA F 212 15.06 -23.79 5.98
CA ALA F 212 13.78 -23.10 5.89
C ALA F 212 13.50 -22.27 7.13
N CYS F 213 12.94 -21.09 6.91
CA CYS F 213 12.56 -20.16 7.96
C CYS F 213 11.06 -19.94 7.87
N GLU F 214 10.32 -20.25 8.94
CA GLU F 214 8.86 -20.13 8.92
C GLU F 214 8.38 -19.05 9.89
N VAL F 215 7.55 -18.13 9.38
CA VAL F 215 7.20 -16.92 10.12
C VAL F 215 5.71 -16.91 10.40
N THR F 216 5.35 -16.80 11.66
CA THR F 216 3.97 -16.57 12.06
C THR F 216 3.85 -15.16 12.58
N HIS F 217 2.86 -14.44 12.09
CA HIS F 217 2.66 -13.06 12.49
C HIS F 217 1.23 -12.67 12.23
N GLN F 218 0.78 -11.72 13.02
CA GLN F 218 -0.63 -11.35 13.11
C GLN F 218 -1.15 -10.72 11.82
N GLY F 219 -0.28 -10.10 11.02
CA GLY F 219 -0.64 -9.55 9.72
C GLY F 219 -0.62 -10.53 8.56
N LEU F 220 -0.28 -11.79 8.82
CA LEU F 220 -0.28 -12.83 7.80
C LEU F 220 -1.45 -13.74 8.07
N SER F 221 -2.27 -13.98 7.05
CA SER F 221 -3.39 -14.92 7.21
C SER F 221 -2.88 -16.29 7.62
N SER F 222 -1.85 -16.78 6.94
CA SER F 222 -1.20 -18.04 7.24
C SER F 222 0.31 -17.83 7.21
N PRO F 223 1.08 -18.70 7.86
CA PRO F 223 2.55 -18.50 7.93
C PRO F 223 3.21 -18.43 6.56
N VAL F 224 4.27 -17.65 6.48
CA VAL F 224 5.08 -17.50 5.28
C VAL F 224 6.40 -18.23 5.51
N THR F 225 6.93 -18.85 4.47
CA THR F 225 8.16 -19.62 4.58
C THR F 225 9.13 -19.18 3.50
N LYS F 226 10.39 -18.98 3.88
CA LYS F 226 11.47 -18.75 2.93
C LYS F 226 12.54 -19.82 3.15
N SER F 227 13.09 -20.34 2.06
CA SER F 227 14.04 -21.44 2.15
C SER F 227 15.01 -21.34 0.99
N PHE F 228 16.06 -22.15 1.06
CA PHE F 228 16.97 -22.33 -0.05
C PHE F 228 17.53 -23.74 0.01
N ASN F 229 18.08 -24.18 -1.12
CA ASN F 229 18.80 -25.43 -1.21
C ASN F 229 20.28 -25.14 -1.28
N ARG F 230 21.04 -25.72 -0.34
CA ARG F 230 22.49 -25.60 -0.34
C ARG F 230 23.04 -26.06 -1.69
N GLY F 231 23.55 -25.13 -2.48
CA GLY F 231 23.99 -25.43 -3.84
C GLY F 231 23.53 -24.43 -4.90
#